data_8TEE
#
_entry.id   8TEE
#
_cell.length_a   72.971
_cell.length_b   98.291
_cell.length_c   76.003
_cell.angle_alpha   90.00
_cell.angle_beta   96.42
_cell.angle_gamma   90.00
#
_symmetry.space_group_name_H-M   'P 1 21 1'
#
loop_
_entity.id
_entity.type
_entity.pdbx_description
1 polymer 'Fermitin family homolog 2'
2 polymer 'Integrin beta-1'
3 water water
#
loop_
_entity_poly.entity_id
_entity_poly.type
_entity_poly.pdbx_seq_one_letter_code
_entity_poly.pdbx_strand_id
1 'polypeptide(L)'
;MALDGIRMPDGCYADGTWELSVHVTDLNRDVTLRVTGEVHIGGVMLKLVEKLDVKKDWSDHALWWEKKRTWLLKTHWTLD
KCGIQADAKLQFTPQHKLLRLQLPNMKYVKVKVNFSDRVFKAVSDICKTFNIRHPEELSLLKKPRDPTKKKKKKLDDQSE
DEALELEGPLIMPGSGSIYSSPGLYSKTMTPTYDAHDGSPLSPTSAWFGDSALSEGNPGILAVSQPVTSPEILAKMFKPQ
ALLDKAKTNQGWLDSSRSLMEQDVKENEALLLRFKYYSFFDLNPKYDAIRINQLYEQAKWALLLEEIECTEEEMMMFAAL
QYHINKLSIMTSENHLTTDVNPECLVSPRYLKKYKSKQITARILEAHQNVAQMSLIEAKMRFIQAWQSLPEFGITHFIAR
FQGGKREELIGIAYNRLIRMDASTGDAIKTWRFSNMKQWNVNWEIKMVTVEFADEVRLSFICTEVDCKVVHEFIGGYIFL
STRAKDQNESLDEEMFYKLTSGWV
;
A,B
2 'polypeptide(L)' KSAVTTVVNPQYEGK C,D
#
# COMPACT_ATOMS: atom_id res chain seq x y z
N ALA A 14 24.69 37.19 -17.07
CA ALA A 14 23.66 36.68 -16.18
C ALA A 14 23.11 35.35 -16.67
N ASP A 15 23.99 34.55 -17.28
CA ASP A 15 23.64 33.23 -17.81
C ASP A 15 22.37 33.29 -18.66
N GLY A 16 21.34 32.56 -18.23
CA GLY A 16 20.06 32.58 -18.91
C GLY A 16 18.90 32.48 -17.95
N THR A 17 18.80 33.47 -17.05
CA THR A 17 17.78 33.48 -16.01
C THR A 17 16.37 33.38 -16.60
N TRP A 18 15.69 32.28 -16.33
CA TRP A 18 14.31 32.04 -16.75
C TRP A 18 13.51 31.72 -15.49
N GLU A 19 13.18 32.78 -14.75
CA GLU A 19 12.55 32.64 -13.43
C GLU A 19 11.31 31.77 -13.52
N LEU A 20 11.27 30.74 -12.66
CA LEU A 20 10.14 29.84 -12.56
C LEU A 20 9.60 29.90 -11.14
N SER A 21 8.33 30.29 -11.01
CA SER A 21 7.68 30.41 -9.71
C SER A 21 6.91 29.13 -9.42
N VAL A 22 7.24 28.48 -8.30
CA VAL A 22 6.60 27.24 -7.88
C VAL A 22 5.95 27.48 -6.53
N HIS A 23 4.66 27.16 -6.44
CA HIS A 23 3.91 27.26 -5.18
C HIS A 23 3.89 25.90 -4.50
N VAL A 24 4.33 25.87 -3.25
CA VAL A 24 4.33 24.65 -2.45
C VAL A 24 3.08 24.71 -1.56
N THR A 25 2.07 23.93 -1.93
CA THR A 25 0.81 23.96 -1.21
C THR A 25 0.96 23.56 0.24
N ASP A 26 1.93 22.69 0.54
CA ASP A 26 2.13 22.23 1.92
C ASP A 26 2.51 23.39 2.84
N LEU A 27 3.31 24.32 2.34
CA LEU A 27 3.83 25.40 3.16
C LEU A 27 3.22 26.75 2.83
N ASN A 28 2.29 26.81 1.87
CA ASN A 28 1.66 28.07 1.44
C ASN A 28 2.71 29.10 1.05
N ARG A 29 3.87 28.64 0.58
CA ARG A 29 5.00 29.50 0.28
C ARG A 29 5.34 29.39 -1.20
N ASP A 30 5.38 30.53 -1.88
CA ASP A 30 5.90 30.59 -3.23
C ASP A 30 7.42 30.58 -3.19
N VAL A 31 8.01 29.92 -4.20
CA VAL A 31 9.45 29.94 -4.38
C VAL A 31 9.74 30.21 -5.86
N THR A 32 10.85 30.90 -6.11
CA THR A 32 11.30 31.20 -7.46
C THR A 32 12.68 30.58 -7.67
N LEU A 33 12.90 30.02 -8.86
CA LEU A 33 14.12 29.32 -9.16
C LEU A 33 14.72 29.83 -10.47
N ARG A 34 16.02 29.63 -10.60
CA ARG A 34 16.74 29.91 -11.84
C ARG A 34 16.93 28.62 -12.61
N VAL A 35 16.58 28.65 -13.90
CA VAL A 35 16.60 27.47 -14.76
C VAL A 35 17.17 27.88 -16.11
N THR A 36 17.30 26.90 -17.00
CA THR A 36 17.80 27.14 -18.35
C THR A 36 16.91 26.56 -19.44
N GLY A 37 15.75 25.98 -19.06
CA GLY A 37 14.89 25.28 -19.99
C GLY A 37 15.29 23.84 -20.30
N GLU A 38 16.58 23.48 -20.13
CA GLU A 38 17.03 22.10 -20.27
C GLU A 38 17.01 21.33 -18.97
N VAL A 39 16.74 22.01 -17.85
CA VAL A 39 16.74 21.33 -16.56
C VAL A 39 15.55 20.37 -16.50
N HIS A 40 15.74 19.24 -15.84
CA HIS A 40 14.77 18.16 -15.88
C HIS A 40 13.71 18.35 -14.79
N ILE A 41 12.60 17.63 -14.96
CA ILE A 41 11.58 17.59 -13.91
C ILE A 41 12.20 17.10 -12.60
N GLY A 42 12.88 15.96 -12.64
CA GLY A 42 13.60 15.50 -11.45
C GLY A 42 14.60 16.53 -10.95
N GLY A 43 15.13 17.35 -11.84
CA GLY A 43 16.09 18.36 -11.43
C GLY A 43 15.45 19.46 -10.60
N VAL A 44 14.28 19.94 -11.02
CA VAL A 44 13.66 21.05 -10.31
C VAL A 44 13.12 20.60 -8.94
N MET A 45 12.52 19.40 -8.87
CA MET A 45 12.05 18.90 -7.58
C MET A 45 13.18 18.85 -6.56
N LEU A 46 14.35 18.33 -6.97
CA LEU A 46 15.48 18.30 -6.06
C LEU A 46 15.94 19.70 -5.68
N LYS A 47 15.72 20.68 -6.55
CA LYS A 47 16.01 22.06 -6.19
C LYS A 47 15.01 22.60 -5.17
N LEU A 48 13.81 22.03 -5.12
CA LEU A 48 12.82 22.45 -4.14
C LEU A 48 13.22 22.06 -2.73
N VAL A 49 13.62 20.79 -2.54
CA VAL A 49 13.94 20.31 -1.21
C VAL A 49 15.22 20.95 -0.68
N GLU A 50 16.21 21.15 -1.55
CA GLU A 50 17.46 21.76 -1.13
C GLU A 50 17.28 23.20 -0.67
N LYS A 51 16.20 23.86 -1.09
CA LYS A 51 15.89 25.21 -0.66
C LYS A 51 14.94 25.26 0.52
N LEU A 52 13.98 24.33 0.60
CA LEU A 52 13.08 24.26 1.73
C LEU A 52 13.62 23.25 2.74
N ASP A 53 12.76 22.75 3.63
CA ASP A 53 13.18 21.86 4.71
C ASP A 53 13.92 20.62 4.18
N VAL A 54 15.22 20.55 4.43
CA VAL A 54 15.99 19.36 4.08
C VAL A 54 15.69 18.17 4.96
N LYS A 55 14.83 18.33 5.97
CA LYS A 55 14.38 17.23 6.82
C LYS A 55 13.00 16.71 6.44
N LYS A 56 12.23 17.50 5.69
CA LYS A 56 10.86 17.15 5.37
C LYS A 56 10.80 15.94 4.44
N ASP A 57 9.74 15.15 4.58
CA ASP A 57 9.46 14.05 3.67
C ASP A 57 8.75 14.61 2.45
N TRP A 58 9.50 14.74 1.36
CA TRP A 58 8.94 15.20 0.08
C TRP A 58 8.66 14.07 -0.89
N SER A 59 8.84 12.81 -0.46
CA SER A 59 8.74 11.66 -1.37
C SER A 59 7.35 11.49 -1.95
N ASP A 60 6.34 12.19 -1.42
CA ASP A 60 4.99 12.14 -1.97
C ASP A 60 4.68 13.34 -2.88
N HIS A 61 5.55 14.34 -2.91
CA HIS A 61 5.28 15.52 -3.72
C HIS A 61 5.60 15.29 -5.19
N ALA A 62 4.81 15.94 -6.04
CA ALA A 62 5.05 15.97 -7.47
C ALA A 62 4.66 17.35 -7.98
N LEU A 63 5.04 17.64 -9.22
CA LEU A 63 4.75 18.93 -9.82
C LEU A 63 3.47 18.84 -10.64
N TRP A 64 2.53 19.74 -10.36
CA TRP A 64 1.27 19.82 -11.08
C TRP A 64 1.19 21.18 -11.77
N TRP A 65 0.95 21.15 -13.08
CA TRP A 65 0.86 22.36 -13.89
C TRP A 65 -0.62 22.69 -14.07
N GLU A 66 -1.11 23.62 -13.25
CA GLU A 66 -2.55 23.91 -13.21
C GLU A 66 -3.05 24.43 -14.56
N LYS A 67 -2.28 25.33 -15.19
CA LYS A 67 -2.72 25.91 -16.46
C LYS A 67 -2.94 24.83 -17.52
N LYS A 68 -2.03 23.86 -17.59
CA LYS A 68 -2.17 22.73 -18.50
C LYS A 68 -2.99 21.60 -17.91
N ARG A 69 -3.38 21.70 -16.63
CA ARG A 69 -4.17 20.69 -15.94
C ARG A 69 -3.54 19.30 -16.08
N THR A 70 -2.26 19.22 -15.71
CA THR A 70 -1.50 18.00 -15.91
C THR A 70 -0.46 17.84 -14.80
N TRP A 71 -0.32 16.62 -14.31
CA TRP A 71 0.81 16.27 -13.46
C TRP A 71 2.06 16.11 -14.30
N LEU A 72 3.21 16.38 -13.70
CA LEU A 72 4.50 16.20 -14.36
C LEU A 72 5.23 15.02 -13.72
N LEU A 73 4.71 13.82 -13.96
CA LEU A 73 5.25 12.63 -13.33
C LEU A 73 6.46 12.08 -14.08
N LYS A 74 6.51 12.26 -15.40
CA LYS A 74 7.68 11.83 -16.16
C LYS A 74 8.90 12.65 -15.76
N THR A 75 9.70 12.11 -14.83
CA THR A 75 10.77 12.90 -14.21
C THR A 75 11.85 13.26 -15.22
N HIS A 76 12.25 12.32 -16.07
CA HIS A 76 13.31 12.54 -17.06
C HIS A 76 12.77 13.30 -18.28
N TRP A 77 12.33 14.53 -18.03
CA TRP A 77 11.74 15.39 -19.04
C TRP A 77 12.31 16.79 -18.90
N THR A 78 12.82 17.34 -20.00
CA THR A 78 13.29 18.72 -19.98
C THR A 78 12.10 19.66 -19.84
N LEU A 79 12.35 20.82 -19.23
CA LEU A 79 11.30 21.83 -19.12
C LEU A 79 10.76 22.22 -20.49
N ASP A 80 11.64 22.36 -21.48
CA ASP A 80 11.20 22.66 -22.84
C ASP A 80 10.38 21.51 -23.40
N LYS A 81 10.75 20.28 -23.09
CA LYS A 81 9.98 19.12 -23.54
C LYS A 81 8.55 19.18 -23.01
N CYS A 82 8.37 19.65 -21.78
CA CYS A 82 7.04 19.91 -21.25
C CYS A 82 6.50 21.28 -21.66
N GLY A 83 7.37 22.25 -21.93
CA GLY A 83 6.93 23.60 -22.22
C GLY A 83 7.40 24.57 -21.16
N ALA A 86 8.86 29.70 -19.78
CA ALA A 86 9.02 30.56 -18.61
C ALA A 86 7.71 31.22 -18.25
N ASP A 87 7.69 31.91 -17.11
CA ASP A 87 6.50 32.56 -16.54
C ASP A 87 5.39 31.56 -16.22
N ALA A 88 5.73 30.27 -16.16
CA ALA A 88 4.74 29.24 -15.85
C ALA A 88 4.54 29.14 -14.34
N LYS A 89 3.29 28.89 -13.96
CA LYS A 89 2.92 28.75 -12.55
C LYS A 89 2.73 27.28 -12.24
N LEU A 90 3.69 26.69 -11.53
CA LEU A 90 3.65 25.29 -11.15
C LEU A 90 3.36 25.16 -9.66
N GLN A 91 2.94 23.96 -9.26
CA GLN A 91 2.66 23.64 -7.88
C GLN A 91 3.45 22.41 -7.47
N PHE A 92 4.10 22.49 -6.31
CA PHE A 92 4.75 21.34 -5.68
C PHE A 92 3.82 20.88 -4.57
N THR A 93 3.07 19.81 -4.82
CA THR A 93 1.95 19.44 -3.98
C THR A 93 1.97 17.95 -3.71
N PRO A 94 1.46 17.51 -2.57
CA PRO A 94 1.36 16.07 -2.30
C PRO A 94 0.40 15.39 -3.27
N GLN A 95 0.85 14.25 -3.81
CA GLN A 95 -0.02 13.47 -4.69
C GLN A 95 -1.22 12.93 -3.93
N HIS A 96 -1.01 12.55 -2.67
CA HIS A 96 -2.08 12.02 -1.83
C HIS A 96 -2.72 13.15 -1.03
N LYS A 97 -4.06 13.20 -1.06
CA LYS A 97 -4.82 14.21 -0.33
C LYS A 97 -6.05 13.54 0.28
N LEU A 98 -6.72 14.27 1.16
CA LEU A 98 -7.92 13.79 1.81
C LEU A 98 -9.14 14.09 0.95
N LEU A 99 -9.96 13.06 0.73
CA LEU A 99 -11.18 13.18 -0.06
C LEU A 99 -12.36 12.91 0.85
N ARG A 100 -13.28 13.89 0.94
CA ARG A 100 -14.52 13.67 1.66
C ARG A 100 -15.52 12.98 0.75
N LEU A 101 -16.08 11.87 1.21
CA LEU A 101 -17.02 11.08 0.43
C LEU A 101 -18.32 10.92 1.20
N GLN A 102 -19.43 11.00 0.48
CA GLN A 102 -20.72 10.57 1.01
C GLN A 102 -20.99 9.16 0.52
N LEU A 103 -21.13 8.23 1.46
CA LEU A 103 -21.42 6.85 1.11
C LEU A 103 -22.87 6.73 0.66
N PRO A 104 -23.22 5.62 -0.01
CA PRO A 104 -24.64 5.41 -0.36
C PRO A 104 -25.56 5.41 0.85
N ASN A 105 -25.09 4.93 2.01
CA ASN A 105 -25.89 4.98 3.22
C ASN A 105 -26.06 6.39 3.77
N MET A 106 -25.52 7.40 3.08
CA MET A 106 -25.63 8.83 3.35
C MET A 106 -24.70 9.27 4.48
N LYS A 107 -23.84 8.40 4.98
CA LYS A 107 -22.84 8.79 5.96
C LYS A 107 -21.61 9.36 5.26
N TYR A 108 -20.98 10.33 5.90
CA TYR A 108 -19.79 10.96 5.34
C TYR A 108 -18.53 10.28 5.85
N VAL A 109 -17.54 10.16 4.97
CA VAL A 109 -16.27 9.51 5.27
C VAL A 109 -15.15 10.33 4.64
N LYS A 110 -13.93 10.11 5.13
CA LYS A 110 -12.74 10.78 4.62
C LYS A 110 -11.68 9.73 4.28
N VAL A 111 -11.05 9.90 3.12
CA VAL A 111 -10.09 8.94 2.59
C VAL A 111 -8.91 9.69 1.98
N LYS A 112 -7.72 9.12 2.13
CA LYS A 112 -6.51 9.63 1.50
C LYS A 112 -6.29 8.90 0.18
N VAL A 113 -6.29 9.65 -0.92
CA VAL A 113 -6.16 9.09 -2.26
C VAL A 113 -5.09 9.85 -3.03
N ASN A 114 -4.36 9.12 -3.87
CA ASN A 114 -3.40 9.73 -4.79
C ASN A 114 -4.18 10.49 -5.87
N PHE A 115 -4.14 11.82 -5.82
CA PHE A 115 -4.86 12.67 -6.77
C PHE A 115 -4.23 12.67 -8.15
N SER A 116 -3.27 11.79 -8.43
CA SER A 116 -2.68 11.67 -9.75
C SER A 116 -2.98 10.34 -10.41
N ASP A 117 -3.57 9.39 -9.69
CA ASP A 117 -4.03 8.15 -10.29
C ASP A 117 -5.32 8.39 -11.05
N ARG A 118 -5.49 7.66 -12.15
CA ARG A 118 -6.76 7.69 -12.87
C ARG A 118 -7.87 7.25 -11.94
N VAL A 119 -9.02 7.93 -12.05
CA VAL A 119 -10.11 7.75 -11.09
C VAL A 119 -10.53 6.28 -11.00
N PHE A 120 -10.47 5.56 -12.12
CA PHE A 120 -10.76 4.13 -12.08
C PHE A 120 -9.86 3.39 -11.10
N LYS A 121 -8.56 3.67 -11.16
CA LYS A 121 -7.63 3.09 -10.18
C LYS A 121 -7.88 3.65 -8.79
N ALA A 122 -8.21 4.94 -8.70
CA ALA A 122 -8.52 5.53 -7.41
C ALA A 122 -9.74 4.88 -6.78
N VAL A 123 -10.81 4.70 -7.57
CA VAL A 123 -12.02 4.06 -7.07
C VAL A 123 -11.72 2.64 -6.61
N SER A 124 -10.96 1.90 -7.41
CA SER A 124 -10.60 0.53 -7.04
C SER A 124 -9.87 0.49 -5.70
N ASP A 125 -8.93 1.41 -5.49
CA ASP A 125 -8.19 1.45 -4.24
C ASP A 125 -9.09 1.85 -3.08
N ILE A 126 -10.07 2.72 -3.32
CA ILE A 126 -10.99 3.10 -2.26
C ILE A 126 -11.90 1.93 -1.87
N CYS A 127 -12.28 1.09 -2.85
CA CYS A 127 -13.13 -0.05 -2.56
C CYS A 127 -12.37 -1.18 -1.87
N LYS A 128 -11.08 -1.33 -2.15
CA LYS A 128 -10.28 -2.30 -1.40
C LYS A 128 -10.18 -1.90 0.07
N THR A 129 -9.95 -0.61 0.33
CA THR A 129 -9.96 -0.10 1.70
C THR A 129 -11.27 -0.43 2.39
N PHE A 130 -12.38 -0.29 1.69
CA PHE A 130 -13.70 -0.54 2.25
C PHE A 130 -14.14 -1.99 2.13
N ASN A 131 -13.29 -2.87 1.60
CA ASN A 131 -13.64 -4.28 1.42
C ASN A 131 -14.87 -4.42 0.52
N ILE A 132 -14.88 -3.66 -0.57
CA ILE A 132 -15.98 -3.66 -1.52
C ILE A 132 -15.45 -4.29 -2.81
N ARG A 133 -15.86 -5.53 -3.07
CA ARG A 133 -15.44 -6.20 -4.29
C ARG A 133 -16.04 -5.53 -5.52
N HIS A 134 -15.46 -5.85 -6.66
CA HIS A 134 -15.93 -5.37 -7.96
C HIS A 134 -16.11 -3.85 -7.99
N PRO A 135 -15.03 -3.08 -7.83
CA PRO A 135 -15.16 -1.62 -7.84
C PRO A 135 -15.55 -1.05 -9.20
N GLU A 136 -15.37 -1.81 -10.27
CA GLU A 136 -15.71 -1.32 -11.60
C GLU A 136 -17.19 -1.01 -11.76
N GLU A 137 -18.04 -1.45 -10.83
CA GLU A 137 -19.44 -1.08 -10.80
C GLU A 137 -19.70 0.22 -10.06
N LEU A 138 -18.68 0.78 -9.41
CA LEU A 138 -18.81 2.02 -8.65
C LEU A 138 -17.94 3.11 -9.26
N SER A 139 -18.26 4.35 -8.92
CA SER A 139 -17.46 5.51 -9.34
C SER A 139 -17.86 6.68 -8.46
N LEU A 140 -17.37 7.86 -8.82
CA LEU A 140 -17.56 9.08 -8.03
C LEU A 140 -18.46 10.05 -8.77
N LEU A 141 -19.36 10.70 -8.04
CA LEU A 141 -20.31 11.65 -8.59
C LEU A 141 -20.28 12.94 -7.79
N LYS A 142 -20.40 14.06 -8.49
CA LYS A 142 -20.29 15.38 -7.88
C LYS A 142 -21.62 15.84 -7.29
N LYS A 143 -21.53 16.46 -6.12
CA LYS A 143 -22.65 17.13 -5.47
C LYS A 143 -22.89 18.48 -6.16
N PRO A 144 -23.92 19.26 -5.75
CA PRO A 144 -24.12 20.55 -6.41
C PRO A 144 -23.28 21.66 -5.78
N ARG A 145 -23.55 22.90 -6.21
CA ARG A 145 -22.94 24.11 -5.63
C ARG A 145 -21.44 23.98 -5.38
N SER A 199 -17.25 12.34 10.12
CA SER A 199 -16.40 12.01 8.97
C SER A 199 -15.12 11.33 9.41
N PRO A 200 -15.17 10.02 9.60
CA PRO A 200 -14.00 9.29 10.08
C PRO A 200 -12.98 9.07 8.98
N LEU A 201 -11.79 8.63 9.39
CA LEU A 201 -10.70 8.31 8.50
C LEU A 201 -10.52 6.80 8.42
N SER A 202 -10.01 6.34 7.29
CA SER A 202 -9.84 4.92 7.04
C SER A 202 -8.57 4.70 6.23
N PRO A 203 -7.87 3.58 6.47
CA PRO A 203 -6.71 3.15 5.71
C PRO A 203 -6.89 3.28 4.19
N ILE A 220 -20.53 4.93 9.46
CA ILE A 220 -19.72 3.75 9.27
C ILE A 220 -20.29 2.89 8.14
N LEU A 221 -19.48 1.96 7.66
CA LEU A 221 -19.83 1.17 6.48
C LEU A 221 -20.79 0.02 6.76
N ALA A 222 -21.02 -0.33 8.02
CA ALA A 222 -21.96 -1.39 8.38
C ALA A 222 -23.22 -0.86 9.02
N VAL A 223 -23.39 0.46 9.08
CA VAL A 223 -24.42 1.12 9.86
C VAL A 223 -25.82 0.75 9.36
N SER A 224 -26.20 1.20 8.17
CA SER A 224 -27.54 1.00 7.62
C SER A 224 -28.63 1.51 8.57
N GLN A 225 -28.54 2.80 8.97
CA GLN A 225 -29.57 3.39 9.80
C GLN A 225 -30.81 3.74 8.98
N PRO A 226 -31.98 3.74 9.60
CA PRO A 226 -33.20 4.14 8.90
C PRO A 226 -33.31 5.65 8.80
N VAL A 227 -34.16 6.09 7.87
CA VAL A 227 -34.52 7.49 7.75
C VAL A 227 -35.17 7.96 9.04
N THR A 228 -34.38 8.66 9.87
CA THR A 228 -34.70 8.87 11.28
C THR A 228 -35.77 9.95 11.45
N SER A 229 -35.36 11.19 11.64
CA SER A 229 -36.37 12.23 11.79
C SER A 229 -36.96 12.57 10.42
N PRO A 230 -38.27 12.80 10.34
CA PRO A 230 -38.89 13.16 9.05
C PRO A 230 -38.25 14.37 8.39
N GLU A 231 -37.74 15.30 9.20
CA GLU A 231 -37.09 16.50 8.66
C GLU A 231 -35.88 16.14 7.80
N ILE A 232 -35.09 15.13 8.18
CA ILE A 232 -33.93 14.78 7.36
C ILE A 232 -34.36 14.37 5.96
N LEU A 233 -35.35 13.47 5.87
CA LEU A 233 -35.86 13.10 4.56
C LEU A 233 -36.63 14.24 3.93
N ALA A 234 -37.35 15.03 4.74
CA ALA A 234 -38.09 16.17 4.19
C ALA A 234 -37.15 17.19 3.58
N LYS A 235 -36.00 17.43 4.21
CA LYS A 235 -35.00 18.32 3.63
C LYS A 235 -34.45 17.74 2.33
N MET A 236 -34.42 16.42 2.21
CA MET A 236 -33.92 15.78 1.01
C MET A 236 -35.02 15.44 0.01
N PHE A 237 -36.28 15.48 0.44
CA PHE A 237 -37.41 15.12 -0.42
C PHE A 237 -37.70 16.14 -1.50
N LYS A 238 -36.85 17.15 -1.70
CA LYS A 238 -37.03 18.10 -2.79
C LYS A 238 -37.03 17.36 -4.11
N PRO A 239 -38.17 17.29 -4.80
CA PRO A 239 -38.26 16.48 -6.02
C PRO A 239 -37.45 17.09 -7.15
N GLN A 240 -37.35 16.33 -8.24
CA GLN A 240 -36.62 16.78 -9.42
C GLN A 240 -37.29 16.20 -10.66
N ALA A 241 -37.49 17.05 -11.66
CA ALA A 241 -38.01 16.58 -12.93
C ALA A 241 -37.03 15.62 -13.58
N LEU A 242 -37.51 14.91 -14.61
CA LEU A 242 -36.66 13.95 -15.29
C LEU A 242 -35.52 14.63 -16.04
N LEU A 243 -35.75 15.87 -16.52
CA LEU A 243 -34.68 16.64 -17.12
C LEU A 243 -33.65 17.08 -16.08
N ASP A 244 -34.09 17.32 -14.85
CA ASP A 244 -33.17 17.77 -13.81
C ASP A 244 -32.33 16.62 -13.27
N LYS A 245 -32.92 15.42 -13.17
CA LYS A 245 -32.13 14.26 -12.79
C LYS A 245 -31.09 13.91 -13.86
N ALA A 246 -31.40 14.19 -15.13
CA ALA A 246 -30.44 13.93 -16.19
C ALA A 246 -29.26 14.90 -16.15
N LYS A 247 -29.49 16.11 -15.62
CA LYS A 247 -28.38 17.06 -15.49
C LYS A 247 -27.40 16.64 -14.40
N THR A 248 -27.89 15.92 -13.38
CA THR A 248 -27.02 15.43 -12.33
C THR A 248 -25.97 14.46 -12.87
N ASN A 249 -26.32 13.70 -13.91
CA ASN A 249 -25.42 12.71 -14.47
C ASN A 249 -24.25 13.32 -15.23
N GLN A 250 -24.14 14.65 -15.29
CA GLN A 250 -22.94 15.27 -15.83
C GLN A 250 -21.77 15.20 -14.86
N GLY A 251 -22.02 14.90 -13.59
CA GLY A 251 -21.01 14.85 -12.55
C GLY A 251 -20.26 13.55 -12.42
N TRP A 252 -20.56 12.54 -13.25
CA TRP A 252 -19.79 11.31 -13.22
C TRP A 252 -18.38 11.59 -13.73
N LEU A 253 -17.39 11.42 -12.86
CA LEU A 253 -16.02 11.77 -13.19
C LEU A 253 -15.49 10.90 -14.32
N ASP A 254 -14.51 11.43 -15.05
CA ASP A 254 -13.82 10.63 -16.06
C ASP A 254 -12.94 9.62 -15.36
N SER A 255 -13.25 8.33 -15.56
CA SER A 255 -12.50 7.28 -14.89
C SER A 255 -11.06 7.19 -15.38
N SER A 256 -10.76 7.75 -16.56
CA SER A 256 -9.42 7.69 -17.12
C SER A 256 -8.60 8.94 -16.83
N ARG A 257 -9.08 9.82 -15.95
CA ARG A 257 -8.31 10.97 -15.50
C ARG A 257 -8.24 10.97 -13.98
N SER A 258 -7.38 11.83 -13.45
CA SER A 258 -7.13 11.88 -12.02
C SER A 258 -8.08 12.87 -11.34
N LEU A 259 -8.09 12.82 -9.99
CA LEU A 259 -8.92 13.74 -9.23
C LEU A 259 -8.51 15.19 -9.47
N MET A 260 -7.20 15.43 -9.64
CA MET A 260 -6.72 16.80 -9.76
C MET A 260 -7.20 17.47 -11.05
N GLU A 261 -7.24 16.70 -12.15
CA GLU A 261 -7.64 17.27 -13.44
C GLU A 261 -9.13 17.57 -13.52
N GLN A 262 -9.91 17.28 -12.47
CA GLN A 262 -11.37 17.38 -12.56
C GLN A 262 -11.96 18.25 -11.47
N ASP A 263 -11.21 19.28 -11.03
CA ASP A 263 -11.73 20.32 -10.14
C ASP A 263 -12.23 19.73 -8.82
N VAL A 264 -11.39 18.92 -8.18
CA VAL A 264 -11.66 18.40 -6.85
C VAL A 264 -10.62 19.00 -5.92
N LYS A 265 -11.04 19.98 -5.12
CA LYS A 265 -10.16 20.53 -4.09
C LYS A 265 -10.14 19.62 -2.88
N GLU A 266 -9.19 19.86 -1.99
CA GLU A 266 -9.07 19.05 -0.78
C GLU A 266 -10.28 19.24 0.11
N ASN A 267 -10.83 18.12 0.57
CA ASN A 267 -11.98 18.10 1.49
C ASN A 267 -13.27 18.58 0.81
N GLU A 268 -13.44 18.22 -0.46
CA GLU A 268 -14.72 18.39 -1.14
C GLU A 268 -15.46 17.05 -1.17
N ALA A 269 -16.78 17.11 -1.01
CA ALA A 269 -17.58 15.91 -0.82
C ALA A 269 -18.04 15.37 -2.17
N LEU A 270 -17.47 14.24 -2.58
CA LEU A 270 -17.93 13.48 -3.72
C LEU A 270 -18.82 12.34 -3.26
N LEU A 271 -19.64 11.84 -4.17
CA LEU A 271 -20.56 10.74 -3.89
C LEU A 271 -19.97 9.45 -4.45
N LEU A 272 -19.70 8.49 -3.57
CA LEU A 272 -19.36 7.14 -4.00
C LEU A 272 -20.67 6.38 -4.24
N ARG A 273 -20.90 5.99 -5.49
CA ARG A 273 -22.16 5.36 -5.86
C ARG A 273 -21.89 4.19 -6.80
N PHE A 274 -22.80 3.22 -6.76
CA PHE A 274 -22.85 2.16 -7.78
C PHE A 274 -23.30 2.80 -9.08
N LYS A 275 -22.36 3.03 -9.99
CA LYS A 275 -22.68 3.70 -11.24
C LYS A 275 -23.37 2.76 -12.21
N TYR A 276 -22.90 1.53 -12.31
CA TYR A 276 -23.44 0.54 -13.25
C TYR A 276 -24.37 -0.41 -12.51
N TYR A 277 -25.51 -0.69 -13.12
CA TYR A 277 -26.56 -1.49 -12.49
C TYR A 277 -26.55 -2.92 -12.99
N SER A 278 -25.36 -3.54 -12.95
CA SER A 278 -25.14 -4.92 -13.36
C SER A 278 -24.12 -5.51 -12.38
N PHE A 279 -24.64 -6.16 -11.34
CA PHE A 279 -23.83 -6.55 -10.19
C PHE A 279 -23.35 -7.99 -10.34
N PHE A 280 -22.04 -8.16 -10.50
CA PHE A 280 -21.44 -9.46 -10.75
C PHE A 280 -21.17 -10.19 -9.43
N ASP A 281 -21.71 -11.40 -9.31
CA ASP A 281 -21.41 -12.29 -8.19
C ASP A 281 -21.70 -11.61 -6.86
N LEU A 282 -22.93 -11.12 -6.72
CA LEU A 282 -23.37 -10.51 -5.47
C LEU A 282 -23.54 -11.61 -4.44
N ASN A 283 -22.48 -11.93 -3.71
CA ASN A 283 -22.43 -13.15 -2.90
C ASN A 283 -22.60 -12.83 -1.42
N PRO A 284 -23.70 -13.25 -0.80
CA PRO A 284 -23.91 -12.93 0.63
C PRO A 284 -22.88 -13.56 1.56
N LYS A 285 -22.17 -14.58 1.09
CA LYS A 285 -21.15 -15.21 1.94
C LYS A 285 -19.97 -14.29 2.18
N TYR A 286 -19.70 -13.35 1.25
CA TYR A 286 -18.52 -12.51 1.36
C TYR A 286 -18.73 -11.04 1.02
N ASP A 287 -19.91 -10.62 0.56
CA ASP A 287 -20.14 -9.25 0.12
C ASP A 287 -21.06 -8.49 1.08
N ALA A 288 -20.88 -8.72 2.38
CA ALA A 288 -21.79 -8.15 3.38
C ALA A 288 -21.86 -6.63 3.27
N ILE A 289 -20.72 -5.97 3.15
CA ILE A 289 -20.70 -4.51 3.14
C ILE A 289 -21.09 -3.99 1.76
N ARG A 290 -20.61 -4.65 0.69
CA ARG A 290 -21.03 -4.29 -0.66
C ARG A 290 -22.54 -4.37 -0.79
N ILE A 291 -23.15 -5.45 -0.28
CA ILE A 291 -24.59 -5.59 -0.31
C ILE A 291 -25.25 -4.51 0.54
N ASN A 292 -24.65 -4.18 1.69
CA ASN A 292 -25.23 -3.17 2.57
C ASN A 292 -25.31 -1.81 1.89
N GLN A 293 -24.24 -1.40 1.22
CA GLN A 293 -24.26 -0.11 0.55
C GLN A 293 -25.18 -0.12 -0.66
N LEU A 294 -25.14 -1.20 -1.46
CA LEU A 294 -26.06 -1.32 -2.58
C LEU A 294 -27.51 -1.26 -2.12
N TYR A 295 -27.81 -1.95 -1.01
CA TYR A 295 -29.15 -1.85 -0.44
C TYR A 295 -29.47 -0.43 -0.02
N GLU A 296 -28.47 0.29 0.49
CA GLU A 296 -28.71 1.66 0.96
C GLU A 296 -28.91 2.63 -0.19
N GLN A 297 -28.20 2.43 -1.30
CA GLN A 297 -28.47 3.23 -2.49
C GLN A 297 -29.88 2.99 -3.00
N ALA A 298 -30.32 1.74 -3.00
CA ALA A 298 -31.68 1.41 -3.43
C ALA A 298 -32.71 2.00 -2.48
N LYS A 299 -32.48 1.86 -1.17
CA LYS A 299 -33.41 2.38 -0.19
C LYS A 299 -33.65 3.87 -0.39
N TRP A 300 -32.57 4.64 -0.50
CA TRP A 300 -32.72 6.09 -0.57
C TRP A 300 -33.24 6.54 -1.93
N ALA A 301 -32.94 5.80 -2.99
CA ALA A 301 -33.52 6.12 -4.30
C ALA A 301 -35.04 5.98 -4.26
N LEU A 302 -35.54 5.01 -3.51
CA LEU A 302 -36.98 4.73 -3.49
C LEU A 302 -37.75 5.72 -2.62
N LEU A 303 -37.25 6.02 -1.41
CA LEU A 303 -38.00 6.91 -0.54
C LEU A 303 -37.82 8.38 -0.92
N LEU A 304 -36.83 8.70 -1.74
CA LEU A 304 -36.69 10.04 -2.30
C LEU A 304 -37.19 10.14 -3.74
N GLU A 305 -37.84 9.10 -4.25
CA GLU A 305 -38.49 9.12 -5.55
C GLU A 305 -37.51 9.38 -6.70
N GLU A 306 -36.24 9.06 -6.49
CA GLU A 306 -35.32 9.01 -7.63
C GLU A 306 -35.80 8.02 -8.66
N ILE A 307 -36.34 6.90 -8.21
CA ILE A 307 -37.01 5.91 -9.04
C ILE A 307 -38.42 5.72 -8.49
N GLU A 308 -39.40 5.68 -9.38
CA GLU A 308 -40.78 5.57 -8.95
C GLU A 308 -41.22 4.11 -8.87
N CYS A 309 -42.29 3.88 -8.12
CA CYS A 309 -42.92 2.58 -8.04
C CYS A 309 -44.36 2.79 -7.62
N THR A 310 -45.19 1.80 -7.90
CA THR A 310 -46.61 1.89 -7.56
C THR A 310 -46.78 1.98 -6.04
N GLU A 311 -47.98 2.39 -5.63
CA GLU A 311 -48.29 2.48 -4.20
C GLU A 311 -48.14 1.12 -3.52
N GLU A 312 -48.59 0.05 -4.17
CA GLU A 312 -48.45 -1.29 -3.61
C GLU A 312 -46.97 -1.65 -3.43
N GLU A 313 -46.14 -1.32 -4.42
CA GLU A 313 -44.73 -1.67 -4.34
C GLU A 313 -44.02 -0.91 -3.23
N MET A 314 -44.33 0.38 -3.08
CA MET A 314 -43.72 1.17 -2.00
C MET A 314 -44.08 0.60 -0.63
N MET A 315 -45.32 0.13 -0.47
CA MET A 315 -45.72 -0.49 0.78
C MET A 315 -44.90 -1.74 1.07
N MET A 316 -44.53 -2.49 0.02
CA MET A 316 -43.73 -3.69 0.21
C MET A 316 -42.28 -3.35 0.56
N PHE A 317 -41.72 -2.34 -0.11
CA PHE A 317 -40.37 -1.90 0.25
C PHE A 317 -40.32 -1.40 1.69
N ALA A 318 -41.37 -0.69 2.12
CA ALA A 318 -41.42 -0.20 3.50
C ALA A 318 -41.47 -1.35 4.48
N ALA A 319 -42.31 -2.36 4.21
CA ALA A 319 -42.35 -3.53 5.07
C ALA A 319 -41.06 -4.32 5.00
N LEU A 320 -40.43 -4.35 3.82
CA LEU A 320 -39.12 -5.00 3.69
C LEU A 320 -38.05 -4.26 4.48
N GLN A 321 -38.06 -2.93 4.42
CA GLN A 321 -37.11 -2.15 5.21
C GLN A 321 -37.43 -2.23 6.69
N TYR A 322 -38.71 -2.21 7.04
CA TYR A 322 -39.11 -2.41 8.43
C TYR A 322 -38.63 -3.77 8.95
N HIS A 323 -38.65 -4.78 8.08
CA HIS A 323 -38.16 -6.10 8.46
C HIS A 323 -36.65 -6.09 8.65
N ILE A 324 -35.93 -5.37 7.77
CA ILE A 324 -34.47 -5.31 7.87
C ILE A 324 -34.05 -4.63 9.16
N ASN A 325 -34.78 -3.56 9.55
CA ASN A 325 -34.50 -2.93 10.83
C ASN A 325 -34.72 -3.90 11.98
N LYS A 326 -35.80 -4.67 11.94
CA LYS A 326 -36.06 -5.63 13.01
C LYS A 326 -34.98 -6.71 13.06
N LEU A 327 -34.64 -7.28 11.90
CA LEU A 327 -33.55 -8.25 11.85
C LEU A 327 -32.24 -7.65 12.35
N SER A 328 -32.01 -6.36 12.05
CA SER A 328 -30.81 -5.71 12.54
C SER A 328 -30.77 -5.64 14.06
N ILE A 329 -31.95 -5.48 14.69
CA ILE A 329 -32.01 -5.44 16.15
C ILE A 329 -31.63 -6.79 16.74
N MET A 330 -32.01 -7.89 16.06
CA MET A 330 -31.73 -9.22 16.59
C MET A 330 -30.25 -9.55 16.56
N THR A 331 -29.48 -8.94 15.66
CA THR A 331 -28.05 -9.21 15.60
C THR A 331 -27.28 -8.57 16.75
N SER A 332 -27.90 -7.69 17.52
CA SER A 332 -27.21 -6.90 18.54
C SER A 332 -27.53 -7.36 19.96
N GLU A 333 -27.98 -8.60 20.13
CA GLU A 333 -28.20 -9.14 21.46
C GLU A 333 -26.87 -9.62 22.04
N ASN A 334 -26.61 -9.27 23.30
CA ASN A 334 -25.34 -9.62 23.92
C ASN A 334 -25.55 -10.64 25.05
N HIS A 335 -24.58 -10.72 25.97
CA HIS A 335 -24.68 -11.67 27.08
C HIS A 335 -25.82 -11.27 28.02
N LEU A 336 -25.74 -10.07 28.56
CA LEU A 336 -26.94 -9.36 28.98
C LEU A 336 -27.89 -9.26 27.79
N THR A 337 -29.19 -9.08 28.05
CA THR A 337 -30.19 -8.98 26.97
C THR A 337 -30.16 -10.18 26.02
N THR A 338 -30.19 -11.38 26.57
CA THR A 338 -30.36 -12.60 25.79
C THR A 338 -31.28 -13.54 26.54
N ASP A 339 -32.20 -14.16 25.79
CA ASP A 339 -33.14 -15.13 26.32
C ASP A 339 -32.74 -16.56 25.96
N VAL A 340 -31.48 -16.75 25.54
CA VAL A 340 -31.01 -18.06 25.12
C VAL A 340 -31.01 -18.99 26.34
N ASN A 341 -31.83 -20.04 26.27
CA ASN A 341 -31.87 -21.07 27.30
C ASN A 341 -31.39 -22.36 26.68
N PRO A 342 -30.13 -22.75 26.89
CA PRO A 342 -29.62 -23.99 26.27
C PRO A 342 -30.42 -25.23 26.62
N GLU A 343 -31.17 -25.22 27.72
CA GLU A 343 -31.93 -26.41 28.11
C GLU A 343 -33.05 -26.73 27.13
N CYS A 344 -33.46 -25.78 26.31
CA CYS A 344 -34.50 -26.00 25.31
C CYS A 344 -33.93 -26.15 23.90
N LEU A 345 -32.62 -25.98 23.72
CA LEU A 345 -32.02 -25.88 22.40
C LEU A 345 -31.07 -27.02 22.06
N VAL A 346 -30.35 -27.58 23.03
CA VAL A 346 -29.31 -28.55 22.74
C VAL A 346 -29.63 -29.88 23.44
N SER A 347 -28.90 -30.92 23.04
CA SER A 347 -29.13 -32.24 23.57
C SER A 347 -28.70 -32.32 25.03
N PRO A 348 -29.35 -33.17 25.83
CA PRO A 348 -29.03 -33.25 27.26
C PRO A 348 -27.57 -33.61 27.56
N ARG A 349 -26.87 -34.25 26.62
CA ARG A 349 -25.45 -34.51 26.82
C ARG A 349 -24.67 -33.22 26.99
N TYR A 350 -25.07 -32.16 26.28
CA TYR A 350 -24.38 -30.89 26.39
C TYR A 350 -24.70 -30.20 27.70
N LEU A 351 -25.97 -30.21 28.11
CA LEU A 351 -26.36 -29.64 29.39
C LEU A 351 -25.57 -30.26 30.53
N LYS A 352 -25.27 -31.55 30.44
CA LYS A 352 -24.59 -32.26 31.51
C LYS A 352 -23.08 -32.11 31.47
N LYS A 353 -22.49 -31.80 30.31
CA LYS A 353 -21.04 -31.76 30.21
C LYS A 353 -20.47 -30.39 30.56
N TYR A 354 -21.13 -29.30 30.16
CA TYR A 354 -20.65 -27.96 30.42
C TYR A 354 -21.61 -27.19 31.30
N LYS A 355 -21.10 -26.10 31.87
CA LYS A 355 -21.93 -25.10 32.53
C LYS A 355 -22.62 -24.24 31.47
N SER A 356 -23.78 -23.69 31.85
CA SER A 356 -24.58 -22.92 30.91
C SER A 356 -23.79 -21.76 30.31
N LYS A 357 -22.91 -21.16 31.11
CA LYS A 357 -22.15 -19.99 30.64
C LYS A 357 -21.25 -20.34 29.46
N GLN A 358 -20.72 -21.57 29.43
CA GLN A 358 -19.94 -21.99 28.27
C GLN A 358 -20.85 -22.33 27.09
N ILE A 359 -22.03 -22.89 27.36
CA ILE A 359 -22.97 -23.20 26.29
C ILE A 359 -23.49 -21.92 25.66
N THR A 360 -24.06 -21.03 26.47
CA THR A 360 -24.75 -19.87 25.94
C THR A 360 -23.79 -18.96 25.18
N ALA A 361 -22.58 -18.78 25.70
CA ALA A 361 -21.58 -18.00 24.97
C ALA A 361 -21.30 -18.62 23.61
N ARG A 362 -21.31 -19.95 23.53
CA ARG A 362 -21.10 -20.62 22.25
C ARG A 362 -22.31 -20.45 21.33
N ILE A 363 -23.52 -20.45 21.89
CA ILE A 363 -24.70 -20.15 21.09
C ILE A 363 -24.62 -18.74 20.53
N LEU A 364 -24.36 -17.76 21.42
CA LEU A 364 -24.44 -16.37 21.03
C LEU A 364 -23.42 -16.03 19.94
N GLU A 365 -22.23 -16.63 20.01
CA GLU A 365 -21.25 -16.46 18.94
C GLU A 365 -21.79 -16.99 17.62
N ALA A 366 -22.32 -18.22 17.64
CA ALA A 366 -22.91 -18.79 16.44
C ALA A 366 -24.16 -18.04 16.00
N HIS A 367 -24.91 -17.47 16.95
CA HIS A 367 -26.12 -16.75 16.57
C HIS A 367 -25.82 -15.43 15.87
N GLN A 368 -24.70 -14.80 16.21
CA GLN A 368 -24.34 -13.54 15.57
C GLN A 368 -24.18 -13.72 14.06
N ASN A 369 -23.47 -14.77 13.65
CA ASN A 369 -23.34 -15.06 12.23
C ASN A 369 -24.67 -15.51 11.64
N VAL A 370 -25.47 -16.25 12.42
CA VAL A 370 -26.76 -16.73 11.93
C VAL A 370 -27.71 -15.57 11.70
N ALA A 371 -27.76 -14.62 12.63
CA ALA A 371 -28.63 -13.46 12.47
C ALA A 371 -28.09 -12.50 11.42
N GLN A 372 -26.76 -12.43 11.26
CA GLN A 372 -26.19 -11.58 10.22
C GLN A 372 -26.58 -12.05 8.83
N MET A 373 -26.69 -13.38 8.64
CA MET A 373 -27.03 -13.89 7.32
C MET A 373 -28.48 -13.61 6.97
N SER A 374 -29.39 -13.74 7.95
CA SER A 374 -30.77 -13.35 7.71
C SER A 374 -30.88 -11.87 7.37
N LEU A 375 -30.01 -11.04 7.94
CA LEU A 375 -30.00 -9.62 7.60
C LEU A 375 -29.54 -9.40 6.16
N ILE A 376 -28.45 -10.06 5.77
CA ILE A 376 -27.94 -9.91 4.40
C ILE A 376 -28.96 -10.45 3.40
N GLU A 377 -29.56 -11.61 3.71
CA GLU A 377 -30.53 -12.20 2.80
C GLU A 377 -31.74 -11.29 2.60
N ALA A 378 -32.14 -10.57 3.65
CA ALA A 378 -33.26 -9.64 3.53
C ALA A 378 -32.89 -8.47 2.63
N LYS A 379 -31.70 -7.90 2.84
CA LYS A 379 -31.24 -6.82 1.97
C LYS A 379 -31.15 -7.27 0.52
N MET A 380 -30.73 -8.52 0.31
CA MET A 380 -30.68 -9.06 -1.06
C MET A 380 -32.05 -9.07 -1.71
N ARG A 381 -33.09 -9.43 -0.95
CA ARG A 381 -34.44 -9.40 -1.48
C ARG A 381 -34.89 -7.97 -1.77
N PHE A 382 -34.50 -7.02 -0.93
CA PHE A 382 -34.79 -5.62 -1.20
C PHE A 382 -34.11 -5.15 -2.48
N ILE A 383 -32.89 -5.64 -2.74
CA ILE A 383 -32.19 -5.27 -3.95
C ILE A 383 -32.84 -5.90 -5.17
N GLN A 384 -33.30 -7.15 -5.05
CA GLN A 384 -33.88 -7.83 -6.20
C GLN A 384 -35.25 -7.28 -6.56
N ALA A 385 -36.04 -6.88 -5.55
CA ALA A 385 -37.30 -6.22 -5.83
C ALA A 385 -37.07 -4.86 -6.49
N TRP A 386 -36.04 -4.14 -6.03
CA TRP A 386 -35.61 -2.91 -6.67
C TRP A 386 -35.18 -3.18 -8.12
N GLN A 387 -34.41 -4.25 -8.33
CA GLN A 387 -33.96 -4.60 -9.67
C GLN A 387 -35.13 -4.85 -10.61
N SER A 388 -36.24 -5.37 -10.10
CA SER A 388 -37.38 -5.76 -10.92
C SER A 388 -38.30 -4.60 -11.26
N LEU A 389 -38.04 -3.40 -10.75
CA LEU A 389 -38.87 -2.26 -11.09
C LEU A 389 -38.69 -1.92 -12.58
N PRO A 390 -39.76 -1.48 -13.26
CA PRO A 390 -39.63 -1.19 -14.70
C PRO A 390 -38.66 -0.06 -15.01
N GLU A 391 -38.41 0.85 -14.07
CA GLU A 391 -37.49 1.95 -14.28
C GLU A 391 -36.05 1.61 -13.90
N PHE A 392 -35.81 0.41 -13.39
CA PHE A 392 -34.55 0.13 -12.71
C PHE A 392 -33.36 0.21 -13.64
N GLY A 393 -32.26 0.76 -13.13
CA GLY A 393 -30.97 0.66 -13.78
C GLY A 393 -30.81 1.49 -15.04
N ILE A 394 -31.50 2.61 -15.13
CA ILE A 394 -31.44 3.48 -16.30
C ILE A 394 -30.81 4.81 -15.89
N THR A 395 -29.83 5.26 -16.66
CA THR A 395 -29.17 6.54 -16.43
C THR A 395 -29.47 7.46 -17.60
N HIS A 396 -30.01 8.64 -17.31
CA HIS A 396 -30.58 9.51 -18.33
C HIS A 396 -29.64 10.67 -18.65
N PHE A 397 -29.60 11.05 -19.92
CA PHE A 397 -28.80 12.17 -20.40
C PHE A 397 -29.61 12.96 -21.42
N ILE A 398 -29.47 14.29 -21.36
CA ILE A 398 -30.10 15.15 -22.36
C ILE A 398 -29.45 14.90 -23.71
N ALA A 399 -30.27 14.74 -24.74
CA ALA A 399 -29.76 14.48 -26.08
C ALA A 399 -30.71 15.04 -27.11
N ARG A 400 -30.15 15.52 -28.22
CA ARG A 400 -30.91 15.95 -29.38
C ARG A 400 -30.75 14.86 -30.44
N PHE A 401 -31.78 14.05 -30.63
CA PHE A 401 -31.71 12.93 -31.54
C PHE A 401 -31.84 13.40 -32.98
N GLN A 402 -31.09 12.73 -33.87
CA GLN A 402 -31.18 13.00 -35.30
C GLN A 402 -32.62 12.87 -35.77
N GLY A 403 -33.10 13.89 -36.48
CA GLY A 403 -34.49 13.92 -36.90
C GLY A 403 -35.49 14.27 -35.83
N GLY A 404 -35.04 14.50 -34.58
CA GLY A 404 -35.93 14.91 -33.52
C GLY A 404 -36.24 16.41 -33.52
N LYS A 405 -37.28 16.77 -32.78
CA LYS A 405 -37.77 18.15 -32.71
C LYS A 405 -37.32 18.89 -31.47
N ARG A 406 -37.17 18.20 -30.34
CA ARG A 406 -36.90 18.83 -29.06
C ARG A 406 -35.82 18.04 -28.34
N GLU A 407 -35.48 18.50 -27.14
CA GLU A 407 -34.58 17.76 -26.28
C GLU A 407 -35.29 16.53 -25.73
N GLU A 408 -34.74 15.36 -25.98
CA GLU A 408 -35.22 14.11 -25.40
C GLU A 408 -34.13 13.54 -24.50
N LEU A 409 -34.27 12.27 -24.15
CA LEU A 409 -33.32 11.61 -23.27
C LEU A 409 -32.82 10.32 -23.91
N ILE A 410 -31.52 10.10 -23.77
CA ILE A 410 -30.90 8.82 -24.12
C ILE A 410 -30.70 8.06 -22.80
N GLY A 411 -31.26 6.87 -22.72
CA GLY A 411 -31.17 6.05 -21.53
C GLY A 411 -30.16 4.93 -21.72
N ILE A 412 -29.21 4.85 -20.79
CA ILE A 412 -28.17 3.83 -20.82
C ILE A 412 -28.44 2.84 -19.70
N ALA A 413 -28.47 1.56 -20.04
CA ALA A 413 -28.67 0.48 -19.09
C ALA A 413 -27.68 -0.64 -19.43
N TYR A 414 -27.74 -1.72 -18.65
CA TYR A 414 -26.73 -2.77 -18.77
C TYR A 414 -26.79 -3.51 -20.10
N ASN A 415 -27.94 -3.48 -20.79
CA ASN A 415 -28.09 -4.25 -22.01
C ASN A 415 -28.71 -3.48 -23.18
N ARG A 416 -29.04 -2.20 -23.02
CA ARG A 416 -29.78 -1.52 -24.06
C ARG A 416 -29.60 -0.01 -23.98
N LEU A 417 -29.88 0.65 -25.09
CA LEU A 417 -30.05 2.10 -25.16
C LEU A 417 -31.52 2.41 -25.34
N ILE A 418 -31.99 3.50 -24.73
CA ILE A 418 -33.40 3.87 -24.79
C ILE A 418 -33.51 5.33 -25.22
N ARG A 419 -34.22 5.58 -26.31
CA ARG A 419 -34.68 6.92 -26.62
C ARG A 419 -35.96 7.19 -25.84
N MET A 420 -35.97 8.27 -25.05
CA MET A 420 -37.04 8.52 -24.11
C MET A 420 -37.51 9.97 -24.19
N ASP A 421 -38.80 10.16 -23.98
CA ASP A 421 -39.40 11.48 -23.97
C ASP A 421 -39.05 12.19 -22.67
N ALA A 422 -38.45 13.38 -22.78
CA ALA A 422 -37.94 14.08 -21.61
C ALA A 422 -39.03 14.61 -20.69
N SER A 423 -40.30 14.55 -21.10
CA SER A 423 -41.41 15.05 -20.29
C SER A 423 -42.12 13.96 -19.52
N THR A 424 -42.53 12.89 -20.20
CA THR A 424 -43.31 11.82 -19.58
C THR A 424 -42.49 10.65 -19.08
N GLY A 425 -41.24 10.52 -19.53
CA GLY A 425 -40.46 9.33 -19.22
C GLY A 425 -40.84 8.11 -20.00
N ASP A 426 -41.84 8.19 -20.89
CA ASP A 426 -42.17 7.05 -21.73
C ASP A 426 -41.01 6.72 -22.66
N ALA A 427 -40.66 5.44 -22.71
CA ALA A 427 -39.68 5.00 -23.68
C ALA A 427 -40.25 5.12 -25.08
N ILE A 428 -39.45 5.66 -26.00
CA ILE A 428 -39.85 5.79 -27.40
C ILE A 428 -39.31 4.64 -28.23
N LYS A 429 -38.02 4.35 -28.11
CA LYS A 429 -37.41 3.25 -28.85
C LYS A 429 -36.26 2.68 -28.03
N THR A 430 -36.08 1.37 -28.12
CA THR A 430 -35.01 0.66 -27.43
C THR A 430 -34.12 -0.04 -28.44
N TRP A 431 -32.81 0.06 -28.24
CA TRP A 431 -31.81 -0.69 -29.01
C TRP A 431 -31.02 -1.58 -28.06
N ARG A 432 -30.81 -2.83 -28.46
CA ARG A 432 -30.08 -3.78 -27.64
C ARG A 432 -28.59 -3.75 -27.97
N PHE A 433 -27.76 -3.82 -26.93
CA PHE A 433 -26.32 -3.91 -27.13
C PHE A 433 -25.95 -5.15 -27.95
N SER A 434 -26.69 -6.24 -27.79
CA SER A 434 -26.42 -7.47 -28.52
C SER A 434 -26.54 -7.28 -30.03
N ASN A 435 -27.29 -6.27 -30.47
CA ASN A 435 -27.41 -5.94 -31.88
C ASN A 435 -26.55 -4.75 -32.28
N MET A 436 -25.84 -4.14 -31.33
CA MET A 436 -24.94 -3.02 -31.62
C MET A 436 -23.61 -3.59 -32.08
N LYS A 437 -23.29 -3.39 -33.36
CA LYS A 437 -22.00 -3.85 -33.87
C LYS A 437 -20.86 -3.00 -33.33
N GLN A 438 -21.05 -1.69 -33.28
CA GLN A 438 -20.06 -0.74 -32.83
C GLN A 438 -20.75 0.60 -32.68
N TRP A 439 -20.05 1.54 -32.06
CA TRP A 439 -20.50 2.93 -31.97
C TRP A 439 -19.29 3.83 -32.08
N ASN A 440 -19.56 5.11 -32.32
CA ASN A 440 -18.46 6.07 -32.48
C ASN A 440 -18.90 7.43 -31.97
N VAL A 441 -17.91 8.26 -31.68
CA VAL A 441 -18.12 9.61 -31.15
C VAL A 441 -17.33 10.58 -32.01
N ASN A 442 -18.02 11.54 -32.63
CA ASN A 442 -17.37 12.65 -33.30
C ASN A 442 -17.25 13.79 -32.28
N TRP A 443 -16.04 14.00 -31.78
CA TRP A 443 -15.86 14.94 -30.67
C TRP A 443 -16.00 16.39 -31.10
N GLU A 444 -15.94 16.67 -32.40
CA GLU A 444 -16.15 18.04 -32.87
C GLU A 444 -17.61 18.44 -32.74
N ILE A 445 -18.51 17.70 -33.39
CA ILE A 445 -19.93 18.00 -33.35
C ILE A 445 -20.61 17.46 -32.09
N LYS A 446 -19.92 16.61 -31.33
CA LYS A 446 -20.46 15.99 -30.12
C LYS A 446 -21.61 15.03 -30.48
N MET A 447 -21.33 14.13 -31.41
CA MET A 447 -22.32 13.21 -31.95
C MET A 447 -21.91 11.78 -31.65
N VAL A 448 -22.75 11.06 -30.93
CA VAL A 448 -22.62 9.62 -30.78
C VAL A 448 -23.43 8.95 -31.87
N THR A 449 -22.82 8.03 -32.61
CA THR A 449 -23.48 7.31 -33.67
C THR A 449 -23.31 5.82 -33.43
N VAL A 450 -24.42 5.12 -33.22
CA VAL A 450 -24.41 3.70 -32.90
C VAL A 450 -24.85 2.91 -34.12
N GLU A 451 -24.04 1.94 -34.52
CA GLU A 451 -24.33 1.10 -35.68
C GLU A 451 -24.83 -0.26 -35.22
N PHE A 452 -25.85 -0.77 -35.90
CA PHE A 452 -26.52 -2.00 -35.51
C PHE A 452 -26.53 -3.00 -36.67
N ALA A 453 -26.91 -4.22 -36.33
CA ALA A 453 -27.29 -5.19 -37.35
C ALA A 453 -28.72 -4.92 -37.78
N ASP A 454 -28.95 -5.00 -39.09
CA ASP A 454 -30.27 -4.88 -39.71
C ASP A 454 -31.09 -3.74 -39.11
N GLU A 455 -30.46 -2.58 -38.97
CA GLU A 455 -31.15 -1.39 -38.49
C GLU A 455 -30.33 -0.14 -38.80
N VAL A 456 -31.03 0.94 -39.17
CA VAL A 456 -30.35 2.19 -39.51
C VAL A 456 -29.63 2.75 -38.29
N ARG A 457 -28.59 3.54 -38.54
CA ARG A 457 -27.77 4.08 -37.47
C ARG A 457 -28.59 4.96 -36.53
N LEU A 458 -28.20 4.98 -35.27
CA LEU A 458 -28.75 5.89 -34.28
C LEU A 458 -27.73 6.98 -34.01
N SER A 459 -28.12 8.23 -34.22
CA SER A 459 -27.23 9.38 -34.00
C SER A 459 -27.94 10.39 -33.10
N PHE A 460 -27.19 10.93 -32.13
CA PHE A 460 -27.72 11.97 -31.28
C PHE A 460 -26.59 12.87 -30.82
N ILE A 461 -26.95 14.11 -30.48
CA ILE A 461 -26.00 15.13 -30.07
C ILE A 461 -26.17 15.38 -28.58
N CYS A 462 -25.05 15.48 -27.87
CA CYS A 462 -25.03 15.80 -26.45
C CYS A 462 -24.18 17.04 -26.22
N THR A 463 -24.19 17.53 -24.99
CA THR A 463 -23.21 18.52 -24.58
C THR A 463 -21.83 17.87 -24.55
N GLU A 464 -20.78 18.71 -24.59
CA GLU A 464 -19.42 18.17 -24.59
C GLU A 464 -19.15 17.36 -23.33
N VAL A 465 -19.68 17.82 -22.19
CA VAL A 465 -19.53 17.07 -20.95
C VAL A 465 -20.23 15.73 -21.05
N ASP A 466 -21.52 15.75 -21.35
CA ASP A 466 -22.31 14.51 -21.38
C ASP A 466 -21.81 13.55 -22.44
N CYS A 467 -21.25 14.07 -23.54
CA CYS A 467 -20.76 13.20 -24.60
C CYS A 467 -19.69 12.24 -24.09
N LYS A 468 -18.77 12.74 -23.25
CA LYS A 468 -17.72 11.87 -22.71
C LYS A 468 -18.29 10.95 -21.63
N VAL A 469 -19.21 11.45 -20.81
CA VAL A 469 -19.85 10.62 -19.79
C VAL A 469 -20.65 9.50 -20.45
N VAL A 470 -21.41 9.84 -21.51
CA VAL A 470 -22.18 8.83 -22.23
C VAL A 470 -21.24 7.78 -22.83
N HIS A 471 -20.12 8.22 -23.41
CA HIS A 471 -19.18 7.29 -24.02
C HIS A 471 -18.60 6.34 -22.99
N GLU A 472 -18.30 6.84 -21.78
CA GLU A 472 -17.78 5.96 -20.74
C GLU A 472 -18.86 5.01 -20.24
N PHE A 473 -20.10 5.50 -20.10
CA PHE A 473 -21.20 4.65 -19.66
C PHE A 473 -21.39 3.48 -20.62
N ILE A 474 -21.46 3.77 -21.92
CA ILE A 474 -21.61 2.71 -22.92
C ILE A 474 -20.44 1.74 -22.84
N GLY A 475 -19.22 2.26 -22.97
CA GLY A 475 -18.05 1.40 -22.87
C GLY A 475 -17.97 0.69 -21.53
N GLY A 476 -18.43 1.34 -20.46
CA GLY A 476 -18.41 0.71 -19.15
C GLY A 476 -19.31 -0.51 -19.08
N TYR A 477 -20.56 -0.34 -19.51
CA TYR A 477 -21.50 -1.46 -19.50
C TYR A 477 -21.03 -2.58 -20.42
N ILE A 478 -20.48 -2.22 -21.58
CA ILE A 478 -19.91 -3.24 -22.47
C ILE A 478 -18.79 -3.99 -21.76
N PHE A 479 -17.92 -3.27 -21.07
CA PHE A 479 -16.82 -3.89 -20.36
C PHE A 479 -17.32 -4.85 -19.28
N LEU A 480 -18.38 -4.46 -18.56
CA LEU A 480 -18.92 -5.33 -17.52
C LEU A 480 -19.54 -6.59 -18.10
N SER A 481 -20.19 -6.48 -19.26
CA SER A 481 -20.83 -7.65 -19.87
C SER A 481 -19.83 -8.71 -20.30
N THR A 482 -18.55 -8.35 -20.45
CA THR A 482 -17.53 -9.33 -20.77
C THR A 482 -16.99 -10.06 -19.54
N ARG A 483 -17.36 -9.60 -18.33
CA ARG A 483 -16.91 -10.27 -17.12
C ARG A 483 -17.40 -11.71 -17.09
N ALA A 484 -16.47 -12.64 -16.93
CA ALA A 484 -16.77 -14.06 -17.03
C ALA A 484 -16.77 -14.71 -15.65
N LYS A 485 -17.66 -15.68 -15.48
CA LYS A 485 -17.69 -16.55 -14.31
C LYS A 485 -16.58 -17.61 -14.33
N ASP A 486 -15.54 -17.43 -15.15
CA ASP A 486 -14.41 -18.36 -15.22
C ASP A 486 -13.37 -18.02 -14.17
N GLN A 487 -13.85 -17.55 -13.02
CA GLN A 487 -13.00 -17.07 -11.94
C GLN A 487 -11.96 -16.09 -12.45
N ASN A 488 -12.37 -15.25 -13.40
CA ASN A 488 -11.48 -14.28 -14.02
C ASN A 488 -11.04 -13.24 -13.01
N GLU A 489 -10.36 -13.67 -11.95
CA GLU A 489 -9.92 -12.78 -10.89
C GLU A 489 -8.80 -11.88 -11.39
N SER A 490 -9.12 -11.02 -12.37
CA SER A 490 -8.16 -10.11 -12.97
C SER A 490 -8.88 -9.12 -13.87
N LEU A 491 -9.02 -7.88 -13.42
CA LEU A 491 -9.66 -6.85 -14.21
C LEU A 491 -8.64 -6.28 -15.20
N ASP A 492 -8.90 -6.43 -16.50
CA ASP A 492 -8.04 -5.85 -17.52
C ASP A 492 -8.40 -4.37 -17.64
N GLU A 493 -7.78 -3.54 -16.80
CA GLU A 493 -8.06 -2.11 -16.84
C GLU A 493 -7.66 -1.52 -18.18
N GLU A 494 -6.70 -2.13 -18.87
CA GLU A 494 -6.33 -1.66 -20.20
C GLU A 494 -7.49 -1.81 -21.18
N MET A 495 -8.24 -2.91 -21.08
CA MET A 495 -9.40 -3.08 -21.95
C MET A 495 -10.52 -2.11 -21.59
N PHE A 496 -10.67 -1.77 -20.32
CA PHE A 496 -11.63 -0.75 -19.93
C PHE A 496 -11.27 0.59 -20.55
N TYR A 497 -10.03 1.02 -20.34
CA TYR A 497 -9.58 2.29 -20.91
C TYR A 497 -9.73 2.30 -22.44
N LYS A 498 -9.45 1.16 -23.08
CA LYS A 498 -9.61 1.07 -24.52
C LYS A 498 -11.09 1.17 -24.92
N LEU A 499 -11.99 0.68 -24.06
CA LEU A 499 -13.42 0.72 -24.36
C LEU A 499 -14.07 2.04 -24.01
N THR A 500 -13.43 2.87 -23.16
CA THR A 500 -14.10 4.01 -22.56
C THR A 500 -13.40 5.35 -22.74
N SER A 501 -12.32 5.42 -23.51
CA SER A 501 -11.56 6.66 -23.64
C SER A 501 -11.24 6.92 -25.10
N GLY A 502 -11.73 8.04 -25.62
CA GLY A 502 -11.34 8.50 -26.94
C GLY A 502 -10.37 9.65 -26.84
N TRP A 503 -9.81 9.83 -25.64
CA TRP A 503 -8.88 10.92 -25.32
C TRP A 503 -9.49 12.29 -25.60
N VAL A 504 -10.82 12.37 -25.65
CA VAL A 504 -11.59 13.59 -25.85
C VAL A 504 -10.93 14.60 -26.79
N LEU B 3 -12.77 -42.68 -1.97
CA LEU B 3 -14.17 -42.82 -1.58
C LEU B 3 -14.72 -44.17 -2.01
N ASP B 4 -14.40 -44.58 -3.25
CA ASP B 4 -14.88 -45.82 -3.84
C ASP B 4 -13.76 -46.84 -4.00
N GLY B 5 -12.73 -46.76 -3.15
CA GLY B 5 -11.61 -47.67 -3.24
C GLY B 5 -11.96 -49.05 -2.71
N ILE B 6 -10.93 -49.90 -2.68
CA ILE B 6 -11.08 -51.23 -2.08
C ILE B 6 -11.63 -51.10 -0.67
N ARG B 7 -11.22 -50.05 0.03
CA ARG B 7 -11.81 -49.68 1.31
C ARG B 7 -11.90 -48.18 1.38
N MET B 8 -12.67 -47.70 2.36
CA MET B 8 -12.74 -46.27 2.59
C MET B 8 -11.35 -45.72 2.88
N PRO B 9 -11.01 -44.54 2.36
CA PRO B 9 -9.72 -43.94 2.71
C PRO B 9 -9.64 -43.72 4.21
N ASP B 10 -8.49 -44.06 4.77
CA ASP B 10 -8.34 -44.04 6.22
C ASP B 10 -8.53 -42.63 6.77
N GLY B 11 -9.45 -42.49 7.71
CA GLY B 11 -9.81 -41.21 8.26
C GLY B 11 -10.99 -40.53 7.60
N CYS B 12 -11.58 -41.14 6.56
CA CYS B 12 -12.63 -40.50 5.79
C CYS B 12 -14.00 -40.86 6.35
N TYR B 13 -14.87 -39.86 6.44
CA TYR B 13 -16.23 -40.05 6.94
C TYR B 13 -17.06 -40.86 5.94
N ALA B 14 -18.35 -41.02 6.25
CA ALA B 14 -19.23 -41.79 5.38
C ALA B 14 -19.35 -41.17 4.00
N ASP B 15 -19.06 -39.88 3.86
CA ASP B 15 -19.16 -39.19 2.59
C ASP B 15 -17.81 -39.04 1.88
N GLY B 16 -16.76 -39.68 2.42
CA GLY B 16 -15.43 -39.61 1.84
C GLY B 16 -14.67 -38.34 2.10
N THR B 17 -15.21 -37.42 2.90
CA THR B 17 -14.46 -36.24 3.30
C THR B 17 -13.60 -36.57 4.51
N TRP B 18 -12.58 -35.74 4.73
CA TRP B 18 -11.71 -35.89 5.89
C TRP B 18 -11.49 -34.55 6.55
N GLU B 19 -11.25 -34.59 7.87
CA GLU B 19 -11.23 -33.41 8.71
C GLU B 19 -9.87 -32.69 8.62
N LEU B 20 -9.92 -31.37 8.72
CA LEU B 20 -8.72 -30.54 8.57
C LEU B 20 -8.77 -29.42 9.60
N SER B 21 -7.81 -29.42 10.53
CA SER B 21 -7.76 -28.43 11.59
C SER B 21 -6.96 -27.21 11.14
N VAL B 22 -7.55 -26.03 11.28
CA VAL B 22 -6.91 -24.77 10.92
C VAL B 22 -7.05 -23.81 12.09
N HIS B 23 -5.93 -23.23 12.51
CA HIS B 23 -5.91 -22.28 13.61
C HIS B 23 -6.03 -20.86 13.08
N VAL B 24 -6.98 -20.11 13.60
CA VAL B 24 -7.18 -18.71 13.25
C VAL B 24 -6.52 -17.87 14.34
N THR B 25 -5.41 -17.23 14.01
CA THR B 25 -4.59 -16.57 15.03
C THR B 25 -5.31 -15.39 15.67
N ASP B 26 -6.13 -14.67 14.90
CA ASP B 26 -6.86 -13.53 15.48
C ASP B 26 -7.97 -13.95 16.42
N LEU B 27 -8.24 -15.25 16.54
CA LEU B 27 -9.26 -15.74 17.45
C LEU B 27 -8.73 -16.74 18.46
N ASN B 28 -7.47 -17.16 18.35
CA ASN B 28 -6.87 -18.19 19.21
C ASN B 28 -7.70 -19.48 19.21
N ARG B 29 -8.54 -19.66 18.20
CA ARG B 29 -9.47 -20.77 18.13
C ARG B 29 -9.16 -21.62 16.90
N ASP B 30 -9.22 -22.93 17.08
CA ASP B 30 -9.12 -23.85 15.96
C ASP B 30 -10.49 -24.05 15.32
N VAL B 31 -10.48 -24.24 14.00
CA VAL B 31 -11.69 -24.44 13.23
C VAL B 31 -11.49 -25.67 12.34
N THR B 32 -12.44 -26.59 12.39
CA THR B 32 -12.38 -27.80 11.59
C THR B 32 -13.25 -27.65 10.35
N LEU B 33 -12.73 -28.13 9.22
CA LEU B 33 -13.46 -28.12 7.95
C LEU B 33 -13.43 -29.52 7.38
N ARG B 34 -14.58 -30.00 6.91
CA ARG B 34 -14.63 -31.27 6.19
C ARG B 34 -14.24 -31.03 4.74
N VAL B 35 -13.11 -31.62 4.33
CA VAL B 35 -12.52 -31.36 3.03
C VAL B 35 -12.31 -32.69 2.30
N THR B 36 -11.93 -32.58 1.04
CA THR B 36 -11.50 -33.72 0.25
C THR B 36 -10.12 -33.43 -0.31
N GLY B 37 -9.43 -34.49 -0.74
CA GLY B 37 -8.11 -34.34 -1.32
C GLY B 37 -8.05 -33.48 -2.57
N GLU B 38 -9.20 -33.21 -3.19
CA GLU B 38 -9.27 -32.42 -4.41
C GLU B 38 -9.69 -30.97 -4.16
N VAL B 39 -9.99 -30.60 -2.92
CA VAL B 39 -10.29 -29.20 -2.62
C VAL B 39 -9.03 -28.36 -2.81
N HIS B 40 -9.20 -27.16 -3.35
CA HIS B 40 -8.07 -26.27 -3.60
C HIS B 40 -7.83 -25.36 -2.42
N ILE B 41 -6.65 -24.75 -2.40
CA ILE B 41 -6.26 -23.87 -1.30
C ILE B 41 -7.28 -22.74 -1.14
N GLY B 42 -7.73 -22.16 -2.26
CA GLY B 42 -8.75 -21.12 -2.17
C GLY B 42 -10.07 -21.64 -1.67
N GLY B 43 -10.31 -22.93 -1.86
CA GLY B 43 -11.52 -23.53 -1.33
C GLY B 43 -11.52 -23.64 0.19
N VAL B 44 -10.34 -23.85 0.78
CA VAL B 44 -10.24 -23.91 2.23
C VAL B 44 -10.45 -22.53 2.84
N MET B 45 -9.88 -21.49 2.23
CA MET B 45 -10.04 -20.14 2.75
C MET B 45 -11.50 -19.69 2.69
N LEU B 46 -12.16 -19.91 1.54
CA LEU B 46 -13.56 -19.53 1.42
C LEU B 46 -14.42 -20.31 2.40
N LYS B 47 -14.17 -21.62 2.54
CA LYS B 47 -14.88 -22.40 3.54
C LYS B 47 -14.67 -21.84 4.95
N LEU B 48 -13.48 -21.30 5.20
CA LEU B 48 -13.22 -20.65 6.49
C LEU B 48 -14.08 -19.39 6.63
N VAL B 49 -14.00 -18.49 5.65
CA VAL B 49 -14.68 -17.20 5.74
C VAL B 49 -16.18 -17.37 5.91
N GLU B 50 -16.75 -18.46 5.40
CA GLU B 50 -18.17 -18.73 5.64
C GLU B 50 -18.43 -19.03 7.11
N LYS B 51 -17.57 -19.83 7.73
CA LYS B 51 -17.78 -20.22 9.12
C LYS B 51 -17.49 -19.07 10.07
N LEU B 52 -16.60 -18.15 9.69
CA LEU B 52 -16.24 -17.04 10.57
C LEU B 52 -17.14 -15.84 10.28
N ASP B 53 -16.86 -14.73 10.96
CA ASP B 53 -17.68 -13.53 10.87
C ASP B 53 -17.75 -13.04 9.43
N VAL B 54 -18.98 -12.79 8.96
CA VAL B 54 -19.19 -12.42 7.56
C VAL B 54 -19.12 -10.92 7.31
N LYS B 55 -19.07 -10.09 8.35
CA LYS B 55 -18.84 -8.67 8.15
C LYS B 55 -17.39 -8.26 8.34
N LYS B 56 -16.58 -9.08 9.02
CA LYS B 56 -15.18 -8.77 9.19
C LYS B 56 -14.42 -8.93 7.87
N ASP B 57 -13.31 -8.21 7.75
CA ASP B 57 -12.49 -8.24 6.54
C ASP B 57 -11.44 -9.34 6.68
N TRP B 58 -11.53 -10.36 5.83
CA TRP B 58 -10.59 -11.48 5.82
C TRP B 58 -9.65 -11.43 4.63
N SER B 59 -9.56 -10.28 3.95
CA SER B 59 -8.78 -10.19 2.72
C SER B 59 -7.28 -10.26 2.96
N ASP B 60 -6.81 -9.92 4.16
CA ASP B 60 -5.39 -9.98 4.49
C ASP B 60 -4.98 -11.34 5.04
N HIS B 61 -5.93 -12.23 5.31
CA HIS B 61 -5.60 -13.53 5.88
C HIS B 61 -5.17 -14.50 4.78
N ALA B 62 -4.12 -15.27 5.08
CA ALA B 62 -3.65 -16.35 4.23
C ALA B 62 -3.37 -17.56 5.09
N LEU B 63 -3.00 -18.67 4.46
CA LEU B 63 -2.76 -19.92 5.17
C LEU B 63 -1.27 -20.14 5.36
N TRP B 64 -0.88 -20.49 6.59
CA TRP B 64 0.52 -20.68 6.96
C TRP B 64 0.69 -22.07 7.56
N TRP B 65 1.72 -22.77 7.12
CA TRP B 65 2.01 -24.15 7.54
C TRP B 65 3.35 -24.14 8.29
N GLU B 66 3.28 -24.19 9.63
CA GLU B 66 4.47 -24.06 10.43
C GLU B 66 5.43 -25.24 10.22
N LYS B 67 4.89 -26.45 10.14
CA LYS B 67 5.74 -27.64 10.01
C LYS B 67 6.56 -27.58 8.73
N LYS B 68 5.96 -27.12 7.64
CA LYS B 68 6.66 -27.00 6.37
C LYS B 68 7.29 -25.61 6.18
N ARG B 69 7.14 -24.71 7.15
CA ARG B 69 7.79 -23.40 7.15
C ARG B 69 7.53 -22.66 5.84
N THR B 70 6.28 -22.67 5.40
CA THR B 70 5.92 -22.09 4.12
C THR B 70 4.52 -21.51 4.17
N TRP B 71 4.33 -20.40 3.45
CA TRP B 71 3.00 -19.87 3.21
C TRP B 71 2.33 -20.62 2.08
N LEU B 72 1.00 -20.59 2.07
CA LEU B 72 0.21 -21.19 1.00
C LEU B 72 -0.53 -20.07 0.28
N LEU B 73 0.21 -19.37 -0.59
CA LEU B 73 -0.32 -18.24 -1.33
C LEU B 73 -0.71 -18.60 -2.76
N LYS B 74 -0.52 -19.86 -3.17
CA LYS B 74 -0.96 -20.31 -4.48
C LYS B 74 -2.39 -20.81 -4.35
N THR B 75 -3.35 -19.95 -4.66
CA THR B 75 -4.76 -20.29 -4.50
C THR B 75 -5.21 -21.40 -5.45
N HIS B 76 -4.51 -21.59 -6.57
CA HIS B 76 -4.88 -22.59 -7.56
C HIS B 76 -4.33 -23.98 -7.23
N TRP B 77 -3.63 -24.12 -6.10
CA TRP B 77 -3.07 -25.39 -5.70
C TRP B 77 -4.12 -26.23 -4.98
N THR B 78 -4.12 -27.53 -5.25
CA THR B 78 -5.03 -28.43 -4.56
C THR B 78 -4.33 -29.04 -3.35
N LEU B 79 -5.14 -29.50 -2.38
CA LEU B 79 -4.60 -30.00 -1.13
C LEU B 79 -3.68 -31.20 -1.35
N ASP B 80 -4.00 -32.04 -2.33
CA ASP B 80 -3.12 -33.17 -2.65
C ASP B 80 -1.81 -32.68 -3.26
N LYS B 81 -1.88 -31.61 -4.06
CA LYS B 81 -0.67 -31.06 -4.68
C LYS B 81 0.24 -30.39 -3.66
N CYS B 82 -0.30 -30.01 -2.50
CA CYS B 82 0.49 -29.41 -1.43
C CYS B 82 0.93 -30.43 -0.39
N GLY B 83 0.59 -31.70 -0.57
CA GLY B 83 0.92 -32.71 0.43
C GLY B 83 0.21 -32.52 1.75
N ILE B 84 -0.99 -31.95 1.74
CA ILE B 84 -1.76 -31.64 2.94
C ILE B 84 -2.75 -32.78 3.17
N GLN B 85 -2.45 -33.64 4.12
CA GLN B 85 -3.36 -34.69 4.55
C GLN B 85 -4.10 -34.24 5.81
N ALA B 86 -4.78 -35.17 6.48
CA ALA B 86 -5.51 -34.84 7.68
C ALA B 86 -4.59 -34.59 8.88
N ASP B 87 -3.32 -34.95 8.78
CA ASP B 87 -2.36 -34.72 9.86
C ASP B 87 -1.70 -33.36 9.78
N ALA B 88 -2.19 -32.47 8.92
CA ALA B 88 -1.56 -31.17 8.69
C ALA B 88 -2.25 -30.11 9.54
N LYS B 89 -1.45 -29.37 10.31
CA LYS B 89 -1.93 -28.29 11.15
C LYS B 89 -1.63 -26.97 10.46
N LEU B 90 -2.66 -26.32 9.94
CA LEU B 90 -2.52 -25.07 9.21
C LEU B 90 -2.96 -23.89 10.08
N GLN B 91 -2.64 -22.69 9.61
CA GLN B 91 -2.96 -21.46 10.32
C GLN B 91 -3.59 -20.47 9.36
N PHE B 92 -4.71 -19.88 9.76
CA PHE B 92 -5.32 -18.75 9.07
C PHE B 92 -4.93 -17.49 9.83
N THR B 93 -4.08 -16.66 9.22
CA THR B 93 -3.44 -15.59 9.96
C THR B 93 -3.31 -14.36 9.07
N PRO B 94 -3.30 -13.17 9.66
CA PRO B 94 -3.07 -11.96 8.86
C PRO B 94 -1.69 -11.97 8.22
N GLN B 95 -1.63 -11.50 6.98
CA GLN B 95 -0.35 -11.44 6.29
C GLN B 95 0.48 -10.25 6.75
N HIS B 96 -0.14 -9.09 6.93
CA HIS B 96 0.51 -7.92 7.50
C HIS B 96 0.40 -7.97 9.02
N LYS B 97 1.55 -7.88 9.70
CA LYS B 97 1.61 -7.92 11.15
C LYS B 97 2.43 -6.75 11.68
N LEU B 98 2.37 -6.56 12.98
CA LEU B 98 3.12 -5.51 13.66
C LEU B 98 4.49 -6.02 14.06
N LEU B 99 5.53 -5.23 13.76
CA LEU B 99 6.91 -5.63 14.00
C LEU B 99 7.62 -4.53 14.78
N ARG B 100 8.05 -4.85 16.00
CA ARG B 100 8.87 -3.92 16.76
C ARG B 100 10.27 -3.85 16.17
N LEU B 101 10.79 -2.62 16.05
CA LEU B 101 12.10 -2.38 15.45
C LEU B 101 12.86 -1.38 16.31
N GLN B 102 14.06 -1.74 16.72
CA GLN B 102 14.98 -0.78 17.34
C GLN B 102 15.78 -0.12 16.24
N LEU B 103 15.57 1.18 16.07
CA LEU B 103 16.32 1.93 15.08
C LEU B 103 17.77 2.09 15.54
N PRO B 104 18.68 2.41 14.61
CA PRO B 104 20.08 2.60 15.00
C PRO B 104 20.28 3.61 16.12
N ASN B 105 19.37 4.57 16.28
CA ASN B 105 19.44 5.52 17.38
C ASN B 105 18.97 4.95 18.71
N MET B 106 18.74 3.63 18.75
CA MET B 106 18.33 2.89 19.96
C MET B 106 16.90 3.18 20.39
N LYS B 107 16.09 3.76 19.51
CA LYS B 107 14.68 4.00 19.78
C LYS B 107 13.82 2.92 19.14
N TYR B 108 12.77 2.50 19.85
CA TYR B 108 11.91 1.43 19.37
C TYR B 108 10.72 2.01 18.62
N VAL B 109 10.48 1.50 17.42
CA VAL B 109 9.26 1.79 16.68
C VAL B 109 8.58 0.46 16.35
N LYS B 110 7.36 0.55 15.84
CA LYS B 110 6.59 -0.61 15.41
C LYS B 110 6.04 -0.34 14.01
N VAL B 111 6.19 -1.31 13.11
CA VAL B 111 5.79 -1.15 11.73
C VAL B 111 4.89 -2.31 11.33
N LYS B 112 4.17 -2.13 10.22
CA LYS B 112 3.27 -3.12 9.66
C LYS B 112 3.81 -3.58 8.32
N VAL B 113 4.16 -4.87 8.23
CA VAL B 113 4.80 -5.44 7.06
C VAL B 113 4.18 -6.79 6.77
N ASN B 114 4.13 -7.14 5.48
CA ASN B 114 3.70 -8.46 5.06
C ASN B 114 4.76 -9.49 5.43
N PHE B 115 4.45 -10.33 6.41
CA PHE B 115 5.36 -11.38 6.86
C PHE B 115 5.51 -12.51 5.84
N SER B 116 5.00 -12.31 4.62
CA SER B 116 5.15 -13.27 3.55
C SER B 116 6.02 -12.75 2.41
N ASP B 117 6.39 -11.48 2.44
CA ASP B 117 7.31 -10.93 1.45
C ASP B 117 8.75 -11.22 1.87
N ARG B 118 9.58 -11.58 0.90
CA ARG B 118 11.01 -11.74 1.15
C ARG B 118 11.56 -10.49 1.81
N VAL B 119 12.28 -10.67 2.92
CA VAL B 119 12.61 -9.54 3.78
C VAL B 119 13.40 -8.47 3.06
N PHE B 120 14.02 -8.80 1.92
CA PHE B 120 14.58 -7.75 1.07
C PHE B 120 13.50 -6.79 0.61
N LYS B 121 12.41 -7.32 0.06
CA LYS B 121 11.28 -6.47 -0.33
C LYS B 121 10.66 -5.82 0.90
N ALA B 122 10.56 -6.57 2.00
CA ALA B 122 10.12 -5.96 3.26
C ALA B 122 10.98 -4.75 3.61
N VAL B 123 12.27 -4.99 3.85
CA VAL B 123 13.21 -3.92 4.19
C VAL B 123 13.05 -2.74 3.25
N SER B 124 12.89 -3.01 1.95
CA SER B 124 12.67 -1.95 0.98
C SER B 124 11.42 -1.15 1.31
N ASP B 125 10.34 -1.83 1.71
CA ASP B 125 9.11 -1.13 2.04
C ASP B 125 9.20 -0.44 3.39
N ILE B 126 9.93 -1.02 4.35
CA ILE B 126 10.13 -0.34 5.63
C ILE B 126 10.88 0.97 5.43
N CYS B 127 11.95 0.94 4.61
CA CYS B 127 12.75 2.13 4.41
C CYS B 127 11.99 3.21 3.65
N LYS B 128 11.10 2.82 2.73
CA LYS B 128 10.27 3.81 2.05
C LYS B 128 9.30 4.47 3.02
N THR B 129 8.79 3.71 4.00
CA THR B 129 7.98 4.29 5.05
C THR B 129 8.80 5.28 5.88
N PHE B 130 10.05 4.95 6.16
CA PHE B 130 10.93 5.82 6.93
C PHE B 130 11.59 6.90 6.07
N ASN B 131 11.38 6.90 4.76
CA ASN B 131 12.01 7.85 3.84
C ASN B 131 13.53 7.71 3.88
N ILE B 132 14.01 6.47 3.97
CA ILE B 132 15.44 6.16 3.95
C ILE B 132 15.76 5.56 2.59
N ARG B 133 16.54 6.28 1.80
CA ARG B 133 16.92 5.80 0.49
C ARG B 133 17.89 4.62 0.59
N HIS B 134 18.02 3.90 -0.54
CA HIS B 134 18.91 2.76 -0.69
C HIS B 134 18.69 1.73 0.40
N PRO B 135 17.55 1.05 0.43
CA PRO B 135 17.31 0.04 1.47
C PRO B 135 18.19 -1.19 1.33
N GLU B 136 18.76 -1.43 0.15
CA GLU B 136 19.65 -2.58 -0.01
C GLU B 136 20.85 -2.52 0.92
N GLU B 137 21.21 -1.34 1.39
CA GLU B 137 22.33 -1.19 2.31
C GLU B 137 21.98 -1.58 3.74
N LEU B 138 20.70 -1.70 4.06
CA LEU B 138 20.23 -2.08 5.39
C LEU B 138 19.60 -3.46 5.35
N SER B 139 19.34 -4.00 6.54
CA SER B 139 18.64 -5.28 6.69
C SER B 139 18.25 -5.44 8.15
N LEU B 140 17.79 -6.63 8.51
CA LEU B 140 17.24 -6.92 9.83
C LEU B 140 18.14 -7.88 10.58
N LEU B 141 18.29 -7.66 11.88
CA LEU B 141 19.23 -8.41 12.71
C LEU B 141 18.57 -8.79 14.03
N LYS B 142 18.60 -10.08 14.36
CA LYS B 142 18.03 -10.55 15.62
C LYS B 142 18.89 -10.06 16.79
N LYS B 143 18.24 -9.53 17.82
CA LYS B 143 18.96 -9.08 19.00
C LYS B 143 19.64 -10.28 19.67
N PRO B 144 20.94 -10.18 19.98
CA PRO B 144 21.65 -11.35 20.51
C PRO B 144 21.26 -11.65 21.96
N ARG B 145 21.38 -12.92 22.33
CA ARG B 145 21.09 -13.34 23.69
C ARG B 145 22.29 -13.09 24.59
N ASP B 146 22.06 -12.43 25.71
CA ASP B 146 23.15 -12.14 26.64
C ASP B 146 23.65 -13.43 27.29
N PRO B 147 24.97 -13.64 27.36
CA PRO B 147 25.56 -14.82 27.99
C PRO B 147 25.58 -14.74 29.52
N PRO B 218 10.84 13.06 11.16
CA PRO B 218 9.75 12.15 11.50
C PRO B 218 9.71 11.78 12.98
N GLY B 219 10.27 12.66 13.82
CA GLY B 219 10.27 12.43 15.25
C GLY B 219 11.40 11.55 15.72
N ILE B 220 11.04 10.34 16.18
CA ILE B 220 12.04 9.35 16.61
C ILE B 220 13.12 9.17 15.56
N LEU B 221 12.72 9.05 14.29
CA LEU B 221 13.65 8.80 13.20
C LEU B 221 14.61 9.97 12.97
N ALA B 222 14.29 11.16 13.48
CA ALA B 222 15.20 12.30 13.43
C ALA B 222 15.80 12.63 14.79
N VAL B 223 15.33 11.98 15.86
CA VAL B 223 15.86 12.24 17.19
C VAL B 223 17.31 11.81 17.25
N SER B 224 18.17 12.69 17.80
CA SER B 224 19.59 12.41 17.98
C SER B 224 20.01 13.07 19.31
N GLN B 225 19.68 12.40 20.41
CA GLN B 225 19.90 12.83 21.78
C GLN B 225 21.13 12.16 22.37
N PRO B 226 21.79 12.78 23.34
CA PRO B 226 22.96 12.16 23.97
C PRO B 226 22.53 11.21 25.09
N VAL B 227 23.53 10.58 25.70
CA VAL B 227 23.28 9.68 26.82
C VAL B 227 22.76 10.50 28.00
N THR B 228 21.68 10.01 28.63
CA THR B 228 21.06 10.76 29.71
C THR B 228 21.99 10.90 30.91
N SER B 229 22.66 9.81 31.30
CA SER B 229 23.52 9.81 32.46
C SER B 229 24.58 8.76 32.28
N PRO B 230 25.77 8.94 32.87
CA PRO B 230 26.81 7.90 32.79
C PRO B 230 26.33 6.52 33.22
N GLU B 231 25.34 6.46 34.11
CA GLU B 231 24.80 5.16 34.52
C GLU B 231 23.98 4.53 33.41
N ILE B 232 23.33 5.34 32.58
CA ILE B 232 22.57 4.79 31.46
C ILE B 232 23.52 4.19 30.43
N LEU B 233 24.58 4.92 30.08
CA LEU B 233 25.57 4.39 29.14
C LEU B 233 26.30 3.18 29.72
N ALA B 234 26.38 3.08 31.04
CA ALA B 234 27.08 1.96 31.66
C ALA B 234 26.27 0.67 31.59
N LYS B 235 24.95 0.78 31.74
CA LYS B 235 24.10 -0.41 31.68
C LYS B 235 24.10 -1.05 30.29
N MET B 236 24.45 -0.29 29.26
CA MET B 236 24.48 -0.82 27.90
C MET B 236 25.85 -1.37 27.51
N PHE B 237 26.91 -0.91 28.15
CA PHE B 237 28.25 -1.39 27.81
C PHE B 237 28.37 -2.87 28.15
N LYS B 238 28.58 -3.69 27.12
CA LYS B 238 28.91 -5.10 27.28
C LYS B 238 30.35 -5.31 26.81
N PRO B 239 31.31 -5.50 27.71
CA PRO B 239 32.69 -5.72 27.28
C PRO B 239 32.90 -7.11 26.70
N GLN B 240 32.40 -7.35 25.51
CA GLN B 240 32.47 -8.68 24.89
C GLN B 240 33.75 -8.83 24.08
N ALA B 241 34.23 -10.07 24.01
CA ALA B 241 35.39 -10.39 23.19
C ALA B 241 35.00 -10.35 21.71
N LEU B 242 36.02 -10.43 20.86
CA LEU B 242 35.77 -10.38 19.41
C LEU B 242 34.94 -11.57 18.95
N LEU B 243 35.14 -12.74 19.57
CA LEU B 243 34.37 -13.92 19.18
C LEU B 243 32.88 -13.72 19.42
N ASP B 244 32.52 -13.03 20.50
CA ASP B 244 31.10 -12.80 20.79
C ASP B 244 30.48 -11.86 19.77
N LYS B 245 31.23 -10.86 19.31
CA LYS B 245 30.70 -9.96 18.28
C LYS B 245 30.44 -10.69 16.98
N ALA B 246 31.34 -11.62 16.61
CA ALA B 246 31.13 -12.40 15.40
C ALA B 246 29.95 -13.35 15.54
N LYS B 247 29.67 -13.81 16.76
CA LYS B 247 28.49 -14.66 16.97
C LYS B 247 27.20 -13.88 16.80
N THR B 248 27.21 -12.57 17.09
CA THR B 248 26.02 -11.74 16.87
C THR B 248 25.65 -11.71 15.39
N ASN B 249 26.62 -11.82 14.50
CA ASN B 249 26.37 -11.78 13.06
C ASN B 249 25.68 -13.05 12.55
N GLN B 250 25.33 -13.99 13.44
CA GLN B 250 24.55 -15.14 13.03
C GLN B 250 23.10 -14.79 12.78
N GLY B 251 22.64 -13.63 13.26
CA GLY B 251 21.23 -13.30 13.22
C GLY B 251 20.80 -12.32 12.14
N TRP B 252 21.56 -12.24 11.05
CA TRP B 252 21.12 -11.47 9.88
C TRP B 252 20.11 -12.30 9.11
N LEU B 253 18.89 -11.78 8.96
CA LEU B 253 17.82 -12.52 8.32
C LEU B 253 18.17 -12.85 6.88
N ASP B 254 17.67 -13.99 6.41
CA ASP B 254 17.81 -14.35 5.00
C ASP B 254 16.97 -13.39 4.16
N SER B 255 17.60 -12.71 3.21
CA SER B 255 16.89 -11.76 2.36
C SER B 255 15.96 -12.46 1.38
N SER B 256 16.21 -13.74 1.07
CA SER B 256 15.44 -14.46 0.08
C SER B 256 14.19 -15.12 0.65
N ARG B 257 14.00 -15.10 1.96
CA ARG B 257 12.86 -15.70 2.62
C ARG B 257 12.13 -14.63 3.44
N SER B 258 11.00 -15.01 4.03
CA SER B 258 10.11 -14.06 4.69
C SER B 258 10.28 -14.10 6.21
N LEU B 259 9.66 -13.13 6.87
CA LEU B 259 9.74 -13.03 8.33
C LEU B 259 9.22 -14.29 8.99
N MET B 260 8.06 -14.78 8.55
CA MET B 260 7.43 -15.94 9.18
C MET B 260 8.37 -17.15 9.19
N GLU B 261 9.02 -17.42 8.05
CA GLU B 261 9.88 -18.59 7.93
C GLU B 261 11.12 -18.50 8.80
N GLN B 262 11.36 -17.38 9.47
CA GLN B 262 12.62 -17.15 10.18
C GLN B 262 12.40 -16.90 11.67
N ASP B 263 11.35 -17.49 12.24
CA ASP B 263 11.14 -17.51 13.69
C ASP B 263 11.15 -16.11 14.30
N VAL B 264 10.33 -15.24 13.74
CA VAL B 264 10.18 -13.87 14.24
C VAL B 264 8.79 -13.76 14.85
N LYS B 265 8.74 -13.45 16.14
CA LYS B 265 7.46 -13.24 16.82
C LYS B 265 6.96 -11.83 16.55
N GLU B 266 5.63 -11.70 16.47
CA GLU B 266 5.04 -10.40 16.16
C GLU B 266 5.36 -9.38 17.24
N ASN B 267 5.42 -9.81 18.48
CA ASN B 267 5.79 -8.94 19.60
C ASN B 267 7.22 -9.20 20.07
N GLU B 268 8.15 -9.20 19.11
CA GLU B 268 9.58 -9.30 19.36
C GLU B 268 10.28 -8.25 18.52
N ALA B 269 11.31 -7.64 19.11
CA ALA B 269 11.99 -6.52 18.47
C ALA B 269 13.19 -7.01 17.67
N LEU B 270 13.21 -6.64 16.40
CA LEU B 270 14.38 -6.82 15.54
C LEU B 270 15.16 -5.51 15.48
N LEU B 271 16.43 -5.63 15.11
CA LEU B 271 17.31 -4.49 14.91
C LEU B 271 17.31 -4.11 13.44
N LEU B 272 16.92 -2.87 13.15
CA LEU B 272 17.10 -2.31 11.80
C LEU B 272 18.45 -1.61 11.79
N ARG B 273 19.39 -2.16 11.02
CA ARG B 273 20.76 -1.66 11.01
C ARG B 273 21.25 -1.59 9.58
N PHE B 274 22.19 -0.67 9.34
CA PHE B 274 22.92 -0.67 8.08
C PHE B 274 23.82 -1.90 8.05
N LYS B 275 23.56 -2.79 7.09
CA LYS B 275 24.26 -4.07 7.03
C LYS B 275 25.56 -3.99 6.24
N TYR B 276 25.55 -3.30 5.10
CA TYR B 276 26.72 -3.14 4.27
C TYR B 276 27.27 -1.73 4.41
N TYR B 277 28.59 -1.61 4.50
CA TYR B 277 29.25 -0.34 4.75
C TYR B 277 29.71 0.34 3.47
N SER B 278 28.89 0.27 2.42
CA SER B 278 29.14 0.94 1.14
C SER B 278 27.90 1.78 0.85
N PHE B 279 27.98 3.07 1.13
CA PHE B 279 26.83 3.97 1.08
C PHE B 279 26.83 4.74 -0.23
N PHE B 280 25.87 4.42 -1.10
CA PHE B 280 25.80 5.01 -2.43
C PHE B 280 25.09 6.36 -2.37
N ASP B 281 25.78 7.41 -2.81
CA ASP B 281 25.22 8.76 -2.92
C ASP B 281 24.56 9.20 -1.61
N LEU B 282 25.33 9.12 -0.54
CA LEU B 282 24.92 9.68 0.75
C LEU B 282 24.93 11.19 0.60
N ASN B 283 23.75 11.77 0.32
CA ASN B 283 23.66 13.16 -0.10
C ASN B 283 23.08 14.02 1.01
N PRO B 284 23.82 15.01 1.52
CA PRO B 284 23.28 15.87 2.58
C PRO B 284 22.09 16.71 2.14
N LYS B 285 21.78 16.77 0.85
CA LYS B 285 20.66 17.59 0.39
C LYS B 285 19.32 16.90 0.56
N TYR B 286 19.29 15.55 0.54
CA TYR B 286 18.00 14.87 0.64
C TYR B 286 18.09 13.53 1.37
N ASP B 287 19.12 13.29 2.19
CA ASP B 287 19.27 12.04 2.94
C ASP B 287 19.38 12.30 4.44
N ALA B 288 18.76 13.38 4.93
CA ALA B 288 18.90 13.79 6.32
C ALA B 288 18.66 12.63 7.29
N ILE B 289 17.56 11.92 7.10
CA ILE B 289 17.19 10.86 8.03
C ILE B 289 18.10 9.65 7.86
N ARG B 290 18.47 9.35 6.62
CA ARG B 290 19.46 8.30 6.35
C ARG B 290 20.80 8.64 6.98
N ILE B 291 21.16 9.92 7.00
CA ILE B 291 22.42 10.35 7.60
C ILE B 291 22.34 10.27 9.12
N ASN B 292 21.20 10.67 9.69
CA ASN B 292 21.07 10.66 11.15
C ASN B 292 21.15 9.25 11.71
N GLN B 293 20.46 8.30 11.08
CA GLN B 293 20.48 6.92 11.58
C GLN B 293 21.85 6.29 11.40
N LEU B 294 22.49 6.53 10.25
CA LEU B 294 23.85 6.05 10.05
C LEU B 294 24.80 6.65 11.09
N TYR B 295 24.69 7.96 11.33
CA TYR B 295 25.50 8.61 12.35
C TYR B 295 25.23 8.00 13.72
N GLU B 296 23.97 7.71 14.02
CA GLU B 296 23.63 7.15 15.33
C GLU B 296 24.16 5.73 15.46
N GLN B 297 24.16 4.96 14.37
CA GLN B 297 24.80 3.65 14.40
C GLN B 297 26.30 3.78 14.60
N ALA B 298 26.91 4.81 14.02
CA ALA B 298 28.34 5.05 14.20
C ALA B 298 28.64 5.47 15.63
N LYS B 299 27.83 6.38 16.17
CA LYS B 299 28.05 6.87 17.53
C LYS B 299 27.99 5.73 18.54
N TRP B 300 26.96 4.89 18.45
CA TRP B 300 26.76 3.85 19.45
C TRP B 300 27.78 2.73 19.31
N ALA B 301 28.19 2.42 18.08
CA ALA B 301 29.25 1.42 17.90
C ALA B 301 30.57 1.90 18.50
N LEU B 302 30.80 3.22 18.50
CA LEU B 302 32.03 3.77 19.06
C LEU B 302 31.95 3.87 20.58
N LEU B 303 30.79 4.28 21.11
CA LEU B 303 30.61 4.35 22.55
C LEU B 303 30.69 2.96 23.18
N LEU B 304 29.96 2.00 22.61
CA LEU B 304 29.91 0.65 23.13
C LEU B 304 31.07 -0.22 22.65
N GLU B 305 31.99 0.35 21.87
CA GLU B 305 33.23 -0.30 21.46
C GLU B 305 32.98 -1.51 20.55
N GLU B 306 31.90 -1.49 19.78
CA GLU B 306 31.76 -2.43 18.67
C GLU B 306 32.95 -2.31 17.73
N ILE B 307 33.36 -1.08 17.45
CA ILE B 307 34.61 -0.79 16.77
C ILE B 307 35.47 0.05 17.72
N GLU B 308 36.78 -0.14 17.62
CA GLU B 308 37.73 0.52 18.51
C GLU B 308 38.42 1.67 17.79
N CYS B 309 39.02 2.55 18.59
CA CYS B 309 39.78 3.67 18.05
C CYS B 309 40.71 4.19 19.12
N THR B 310 41.66 5.02 18.70
CA THR B 310 42.65 5.58 19.61
C THR B 310 42.01 6.57 20.57
N GLU B 311 42.76 6.93 21.60
CA GLU B 311 42.26 7.89 22.58
C GLU B 311 42.10 9.28 21.98
N GLU B 312 42.95 9.64 21.02
CA GLU B 312 42.78 10.90 20.32
C GLU B 312 41.49 10.91 19.52
N GLU B 313 41.21 9.83 18.78
CA GLU B 313 40.00 9.76 17.97
C GLU B 313 38.75 9.77 18.84
N MET B 314 38.82 9.18 20.03
CA MET B 314 37.66 9.22 20.93
C MET B 314 37.36 10.64 21.40
N MET B 315 38.40 11.44 21.67
CA MET B 315 38.15 12.83 22.05
C MET B 315 37.55 13.61 20.89
N MET B 316 38.00 13.32 19.66
CA MET B 316 37.47 14.00 18.50
C MET B 316 36.03 13.58 18.22
N PHE B 317 35.74 12.27 18.33
CA PHE B 317 34.35 11.82 18.23
C PHE B 317 33.48 12.45 19.31
N ALA B 318 34.04 12.59 20.53
CA ALA B 318 33.29 13.21 21.61
C ALA B 318 33.05 14.69 21.35
N ALA B 319 34.08 15.39 20.86
CA ALA B 319 33.91 16.80 20.53
C ALA B 319 32.90 16.97 19.40
N LEU B 320 32.94 16.10 18.40
CA LEU B 320 31.96 16.15 17.32
C LEU B 320 30.55 15.93 17.84
N GLN B 321 30.37 14.93 18.72
CA GLN B 321 29.06 14.69 19.30
C GLN B 321 28.60 15.88 20.14
N TYR B 322 29.50 16.41 20.98
CA TYR B 322 29.20 17.62 21.73
C TYR B 322 28.84 18.77 20.80
N HIS B 323 29.53 18.88 19.67
CA HIS B 323 29.21 19.90 18.68
C HIS B 323 27.86 19.63 18.02
N ILE B 324 27.63 18.37 17.62
CA ILE B 324 26.37 18.01 16.96
C ILE B 324 25.18 18.31 17.87
N ASN B 325 25.32 18.03 19.17
CA ASN B 325 24.21 18.24 20.09
C ASN B 325 23.95 19.72 20.34
N LYS B 326 24.99 20.56 20.30
CA LYS B 326 24.79 22.00 20.41
C LYS B 326 24.10 22.56 19.18
N LEU B 327 24.39 22.00 17.99
CA LEU B 327 23.67 22.40 16.79
C LEU B 327 22.22 21.94 16.82
N SER B 328 21.95 20.79 17.46
CA SER B 328 20.59 20.27 17.54
C SER B 328 19.68 21.22 18.29
N ILE B 329 20.21 21.93 19.30
CA ILE B 329 19.41 22.89 20.04
C ILE B 329 18.96 24.03 19.13
N MET B 330 19.87 24.52 18.29
CA MET B 330 19.54 25.58 17.34
C MET B 330 18.38 25.17 16.44
N THR B 331 18.46 23.96 15.88
CA THR B 331 17.43 23.44 14.99
C THR B 331 16.14 23.07 15.71
N SER B 332 16.09 23.21 17.03
CA SER B 332 14.86 23.03 17.79
C SER B 332 14.39 24.31 18.47
N GLU B 333 15.24 25.32 18.59
CA GLU B 333 14.91 26.56 19.28
C GLU B 333 14.77 27.76 18.37
N ASN B 334 15.15 27.63 17.08
CA ASN B 334 15.10 28.77 16.17
C ASN B 334 13.72 29.41 16.16
N HIS B 335 12.68 28.59 16.24
CA HIS B 335 11.32 29.10 16.38
C HIS B 335 11.07 29.48 17.84
N LEU B 336 10.67 30.73 18.06
CA LEU B 336 10.24 31.26 19.35
C LEU B 336 11.39 31.34 20.32
N THR B 337 11.98 30.21 20.61
CA THR B 337 13.08 30.22 21.55
C THR B 337 14.27 30.93 20.91
N THR B 338 14.05 32.15 20.41
CA THR B 338 15.08 32.92 19.72
C THR B 338 14.88 34.38 20.06
N ASP B 339 15.82 34.95 20.79
CA ASP B 339 15.90 36.37 20.98
C ASP B 339 17.24 36.90 20.54
N VAL B 340 18.10 36.04 20.00
CA VAL B 340 19.45 36.43 19.61
C VAL B 340 19.50 37.13 18.25
N ASN B 341 18.37 37.28 17.57
CA ASN B 341 18.36 37.96 16.27
C ASN B 341 18.52 39.46 16.46
N PRO B 342 19.56 40.09 15.88
CA PRO B 342 19.81 41.51 16.19
C PRO B 342 19.45 42.48 15.08
N GLU B 343 19.02 41.98 13.92
CA GLU B 343 18.53 42.74 12.78
C GLU B 343 19.58 43.58 12.09
N CYS B 344 20.84 43.57 12.55
CA CYS B 344 21.93 44.27 11.87
C CYS B 344 22.51 43.45 10.72
N LEU B 345 21.65 42.76 9.96
CA LEU B 345 22.10 41.82 8.95
C LEU B 345 21.54 42.12 7.57
N VAL B 346 20.70 43.15 7.43
CA VAL B 346 20.10 43.49 6.16
C VAL B 346 20.41 44.95 5.83
N SER B 347 20.22 45.30 4.56
CA SER B 347 20.47 46.66 4.12
C SER B 347 19.47 47.62 4.76
N PRO B 348 19.85 48.89 4.93
CA PRO B 348 18.93 49.85 5.56
C PRO B 348 17.60 50.00 4.84
N ARG B 349 17.56 49.77 3.52
CA ARG B 349 16.29 49.86 2.81
C ARG B 349 15.31 48.80 3.29
N TYR B 350 15.81 47.66 3.80
CA TYR B 350 14.93 46.63 4.33
C TYR B 350 14.40 47.02 5.70
N LEU B 351 15.23 47.66 6.53
CA LEU B 351 14.73 48.23 7.77
C LEU B 351 13.72 49.34 7.50
N LYS B 352 13.88 50.05 6.38
CA LYS B 352 12.99 51.16 6.06
C LYS B 352 11.70 50.71 5.39
N LYS B 353 11.75 49.57 4.69
CA LYS B 353 10.55 49.07 4.00
C LYS B 353 9.72 48.13 4.86
N TYR B 354 10.35 47.37 5.74
CA TYR B 354 9.67 46.39 6.57
C TYR B 354 9.88 46.71 8.04
N LYS B 355 8.83 46.49 8.85
CA LYS B 355 8.98 46.62 10.29
C LYS B 355 10.00 45.62 10.81
N SER B 356 10.66 45.99 11.91
CA SER B 356 11.73 45.15 12.44
C SER B 356 11.22 43.77 12.84
N LYS B 357 9.99 43.69 13.34
CA LYS B 357 9.42 42.41 13.73
C LYS B 357 9.09 41.54 12.51
N GLN B 358 8.91 42.15 11.33
CA GLN B 358 8.63 41.38 10.13
C GLN B 358 9.88 40.72 9.56
N ILE B 359 11.03 41.40 9.66
CA ILE B 359 12.25 40.85 9.08
C ILE B 359 12.88 39.82 10.01
N THR B 360 12.66 39.94 11.32
CA THR B 360 13.12 38.92 12.26
C THR B 360 12.47 37.58 11.95
N ALA B 361 11.16 37.58 11.72
CA ALA B 361 10.44 36.34 11.47
C ALA B 361 10.86 35.69 10.16
N ARG B 362 11.19 36.49 9.14
CA ARG B 362 11.61 35.91 7.86
C ARG B 362 13.04 35.40 7.90
N ILE B 363 13.91 36.05 8.66
CA ILE B 363 15.24 35.50 8.89
C ILE B 363 15.17 34.20 9.68
N LEU B 364 14.34 34.19 10.73
CA LEU B 364 14.17 32.98 11.52
C LEU B 364 13.66 31.82 10.68
N GLU B 365 12.73 32.10 9.77
CA GLU B 365 12.16 31.05 8.94
C GLU B 365 13.21 30.46 8.01
N ALA B 366 14.07 31.30 7.41
CA ALA B 366 15.14 30.80 6.56
C ALA B 366 16.26 30.16 7.37
N HIS B 367 16.39 30.48 8.65
CA HIS B 367 17.47 29.93 9.45
C HIS B 367 17.24 28.46 9.82
N GLN B 368 15.99 28.00 9.78
CA GLN B 368 15.72 26.59 10.10
C GLN B 368 16.47 25.67 9.14
N ASN B 369 16.39 25.95 7.84
CA ASN B 369 17.09 25.12 6.87
C ASN B 369 18.60 25.31 6.97
N VAL B 370 19.04 26.53 7.26
CA VAL B 370 20.47 26.80 7.43
C VAL B 370 21.02 26.00 8.61
N ALA B 371 20.41 26.17 9.78
CA ALA B 371 20.87 25.46 10.96
C ALA B 371 20.78 23.95 10.79
N GLN B 372 19.71 23.48 10.13
CA GLN B 372 19.57 22.05 9.88
C GLN B 372 20.71 21.53 8.99
N MET B 373 21.17 22.35 8.03
CA MET B 373 22.21 21.89 7.12
C MET B 373 23.56 21.76 7.83
N SER B 374 23.86 22.70 8.75
CA SER B 374 25.08 22.57 9.55
C SER B 374 25.04 21.30 10.40
N LEU B 375 23.85 20.92 10.86
CA LEU B 375 23.72 19.72 11.68
C LEU B 375 24.02 18.46 10.86
N ILE B 376 23.50 18.38 9.63
CA ILE B 376 23.77 17.22 8.79
C ILE B 376 25.24 17.13 8.43
N GLU B 377 25.87 18.27 8.12
CA GLU B 377 27.27 18.24 7.73
C GLU B 377 28.17 17.83 8.89
N ALA B 378 27.82 18.26 10.11
CA ALA B 378 28.57 17.80 11.27
C ALA B 378 28.44 16.30 11.45
N LYS B 379 27.20 15.79 11.31
CA LYS B 379 27.00 14.34 11.33
C LYS B 379 27.72 13.66 10.17
N MET B 380 27.82 14.35 9.03
CA MET B 380 28.56 13.81 7.89
C MET B 380 30.04 13.67 8.23
N ARG B 381 30.59 14.63 8.97
CA ARG B 381 32.00 14.55 9.37
C ARG B 381 32.21 13.44 10.39
N PHE B 382 31.27 13.26 11.31
CA PHE B 382 31.34 12.13 12.24
C PHE B 382 31.37 10.81 11.48
N ILE B 383 30.53 10.68 10.45
CA ILE B 383 30.53 9.46 9.65
C ILE B 383 31.86 9.28 8.94
N GLN B 384 32.35 10.34 8.29
CA GLN B 384 33.58 10.24 7.51
C GLN B 384 34.76 9.85 8.38
N ALA B 385 34.86 10.42 9.58
CA ALA B 385 35.90 9.99 10.51
C ALA B 385 35.73 8.52 10.88
N TRP B 386 34.49 8.09 11.10
CA TRP B 386 34.20 6.70 11.41
C TRP B 386 34.60 5.78 10.26
N GLN B 387 34.34 6.20 9.02
CA GLN B 387 34.75 5.40 7.86
C GLN B 387 36.25 5.33 7.69
N SER B 388 37.00 6.27 8.25
CA SER B 388 38.45 6.28 8.11
C SER B 388 39.15 5.39 9.13
N LEU B 389 38.42 4.80 10.06
CA LEU B 389 39.02 3.91 11.03
C LEU B 389 39.56 2.67 10.32
N PRO B 390 40.68 2.10 10.77
CA PRO B 390 41.29 1.01 10.01
C PRO B 390 40.49 -0.27 10.01
N GLU B 391 39.66 -0.51 11.03
CA GLU B 391 38.83 -1.71 11.09
C GLU B 391 37.41 -1.45 10.59
N PHE B 392 37.16 -0.29 9.99
CA PHE B 392 35.81 0.09 9.61
C PHE B 392 35.27 -0.80 8.49
N GLY B 393 33.99 -1.14 8.58
CA GLY B 393 33.32 -1.80 7.49
C GLY B 393 33.57 -3.29 7.37
N ILE B 394 34.08 -3.93 8.41
CA ILE B 394 34.36 -5.36 8.41
C ILE B 394 33.31 -6.06 9.25
N THR B 395 32.73 -7.12 8.71
CA THR B 395 31.79 -7.98 9.44
C THR B 395 32.47 -9.34 9.62
N HIS B 396 32.60 -9.77 10.86
CA HIS B 396 33.40 -10.94 11.21
C HIS B 396 32.52 -12.18 11.38
N PHE B 397 33.04 -13.32 10.93
CA PHE B 397 32.37 -14.60 11.05
C PHE B 397 33.38 -15.65 11.48
N ILE B 398 33.00 -16.48 12.46
CA ILE B 398 33.83 -17.61 12.84
C ILE B 398 34.06 -18.49 11.62
N ALA B 399 35.30 -18.96 11.47
CA ALA B 399 35.64 -19.79 10.32
C ALA B 399 36.91 -20.57 10.62
N ARG B 400 36.99 -21.77 10.06
CA ARG B 400 38.15 -22.63 10.15
C ARG B 400 38.81 -22.67 8.77
N PHE B 401 40.01 -22.12 8.68
CA PHE B 401 40.74 -22.13 7.42
C PHE B 401 41.45 -23.46 7.23
N GLN B 402 41.68 -23.82 5.96
CA GLN B 402 42.02 -25.19 5.59
C GLN B 402 43.30 -25.67 6.27
N GLY B 403 44.25 -24.76 6.51
CA GLY B 403 45.46 -25.09 7.23
C GLY B 403 45.53 -24.67 8.67
N GLY B 404 44.47 -24.10 9.23
CA GLY B 404 44.54 -23.56 10.59
C GLY B 404 44.57 -24.63 11.67
N LYS B 405 44.98 -24.22 12.87
CA LYS B 405 45.00 -25.08 14.04
C LYS B 405 44.03 -24.64 15.12
N ARG B 406 43.24 -23.60 14.88
CA ARG B 406 42.33 -23.05 15.87
C ARG B 406 41.22 -22.30 15.16
N GLU B 407 40.29 -21.78 15.96
CA GLU B 407 39.21 -20.97 15.41
C GLU B 407 39.72 -19.59 15.02
N GLU B 408 39.35 -19.15 13.81
CA GLU B 408 39.70 -17.81 13.35
C GLU B 408 38.48 -17.11 12.78
N LEU B 409 38.67 -15.94 12.16
CA LEU B 409 37.57 -15.18 11.60
C LEU B 409 37.77 -14.97 10.11
N ILE B 410 36.67 -14.98 9.36
CA ILE B 410 36.66 -14.46 8.00
C ILE B 410 35.99 -13.09 8.03
N GLY B 411 36.74 -12.07 7.61
CA GLY B 411 36.24 -10.71 7.60
C GLY B 411 35.79 -10.33 6.20
N ILE B 412 34.56 -9.84 6.11
CA ILE B 412 33.95 -9.50 4.83
C ILE B 412 33.80 -7.98 4.76
N ALA B 413 34.42 -7.38 3.74
CA ALA B 413 34.35 -5.96 3.48
C ALA B 413 33.78 -5.73 2.07
N TYR B 414 33.63 -4.45 1.72
CA TYR B 414 33.06 -4.11 0.42
C TYR B 414 34.00 -4.46 -0.73
N ASN B 415 35.30 -4.56 -0.48
CA ASN B 415 36.27 -4.81 -1.54
C ASN B 415 37.17 -6.00 -1.29
N ARG B 416 37.01 -6.72 -0.18
CA ARG B 416 38.00 -7.74 0.16
C ARG B 416 37.43 -8.71 1.18
N LEU B 417 38.04 -9.90 1.21
CA LEU B 417 37.91 -10.85 2.30
C LEU B 417 39.20 -10.85 3.09
N ILE B 418 39.09 -10.93 4.42
CA ILE B 418 40.24 -10.83 5.30
C ILE B 418 40.26 -12.04 6.24
N ARG B 419 41.36 -12.79 6.22
CA ARG B 419 41.61 -13.81 7.24
C ARG B 419 42.13 -13.12 8.49
N MET B 420 41.44 -13.28 9.61
CA MET B 420 41.73 -12.52 10.81
C MET B 420 41.84 -13.42 12.03
N ASP B 421 42.65 -12.96 12.98
CA ASP B 421 42.80 -13.66 14.25
C ASP B 421 41.53 -13.50 15.09
N ALA B 422 41.09 -14.58 15.72
CA ALA B 422 39.82 -14.58 16.44
C ALA B 422 39.90 -13.88 17.79
N SER B 423 41.11 -13.62 18.31
CA SER B 423 41.27 -12.97 19.61
C SER B 423 41.53 -11.47 19.49
N THR B 424 42.43 -11.06 18.59
CA THR B 424 42.85 -9.68 18.50
C THR B 424 42.18 -8.93 17.35
N GLY B 425 41.81 -9.62 16.28
CA GLY B 425 41.32 -8.97 15.08
C GLY B 425 42.38 -8.57 14.10
N ASP B 426 43.65 -8.88 14.38
CA ASP B 426 44.72 -8.56 13.45
C ASP B 426 44.50 -9.29 12.14
N ALA B 427 44.57 -8.55 11.04
CA ALA B 427 44.44 -9.15 9.73
C ALA B 427 45.66 -10.02 9.43
N ILE B 428 45.42 -11.23 8.96
CA ILE B 428 46.49 -12.16 8.62
C ILE B 428 46.73 -12.19 7.12
N LYS B 429 45.66 -12.23 6.33
CA LYS B 429 45.77 -12.27 4.88
C LYS B 429 44.53 -11.62 4.29
N THR B 430 44.75 -10.80 3.26
CA THR B 430 43.69 -10.08 2.57
C THR B 430 43.58 -10.57 1.14
N TRP B 431 42.35 -10.80 0.67
CA TRP B 431 42.07 -11.15 -0.70
C TRP B 431 41.16 -10.12 -1.32
N ARG B 432 41.57 -9.54 -2.45
CA ARG B 432 40.77 -8.52 -3.10
C ARG B 432 39.63 -9.14 -3.90
N PHE B 433 38.46 -8.49 -3.85
CA PHE B 433 37.34 -8.91 -4.68
C PHE B 433 37.66 -8.77 -6.15
N SER B 434 38.53 -7.82 -6.51
CA SER B 434 38.85 -7.59 -7.92
C SER B 434 39.54 -8.80 -8.53
N ASN B 435 40.39 -9.47 -7.77
CA ASN B 435 41.04 -10.68 -8.25
C ASN B 435 40.18 -11.92 -8.11
N MET B 436 39.08 -11.84 -7.36
CA MET B 436 38.18 -12.98 -7.19
C MET B 436 37.50 -13.29 -8.50
N LYS B 437 37.78 -14.47 -9.06
CA LYS B 437 37.13 -14.89 -10.31
C LYS B 437 35.72 -15.40 -10.04
N GLN B 438 35.55 -16.23 -9.02
CA GLN B 438 34.26 -16.78 -8.66
C GLN B 438 34.35 -17.34 -7.25
N TRP B 439 33.21 -17.79 -6.73
CA TRP B 439 33.17 -18.44 -5.42
C TRP B 439 32.00 -19.42 -5.41
N ASN B 440 32.05 -20.35 -4.46
CA ASN B 440 31.03 -21.38 -4.35
C ASN B 440 30.88 -21.80 -2.90
N VAL B 441 29.76 -22.45 -2.61
CA VAL B 441 29.43 -22.93 -1.27
C VAL B 441 29.05 -24.40 -1.37
N ASN B 442 29.82 -25.26 -0.71
CA ASN B 442 29.44 -26.66 -0.52
C ASN B 442 28.56 -26.72 0.72
N TRP B 443 27.24 -26.84 0.51
CA TRP B 443 26.30 -26.75 1.62
C TRP B 443 26.34 -27.98 2.52
N GLU B 444 26.74 -29.14 1.97
CA GLU B 444 26.73 -30.36 2.75
C GLU B 444 27.71 -30.28 3.92
N ILE B 445 28.94 -29.88 3.66
CA ILE B 445 29.97 -29.76 4.69
C ILE B 445 30.22 -28.31 5.08
N LYS B 446 29.43 -27.37 4.53
CA LYS B 446 29.48 -25.96 4.91
C LYS B 446 30.87 -25.36 4.65
N MET B 447 31.38 -25.59 3.45
CA MET B 447 32.68 -25.05 3.04
C MET B 447 32.48 -24.00 1.95
N VAL B 448 33.16 -22.87 2.11
CA VAL B 448 33.16 -21.79 1.12
C VAL B 448 34.51 -21.78 0.43
N THR B 449 34.50 -21.72 -0.90
CA THR B 449 35.73 -21.78 -1.70
C THR B 449 35.76 -20.59 -2.65
N VAL B 450 36.90 -19.91 -2.71
CA VAL B 450 37.09 -18.72 -3.54
C VAL B 450 38.29 -18.96 -4.45
N GLU B 451 38.10 -18.73 -5.74
CA GLU B 451 39.15 -18.90 -6.74
C GLU B 451 39.69 -17.53 -7.17
N PHE B 452 41.00 -17.46 -7.37
CA PHE B 452 41.66 -16.21 -7.70
C PHE B 452 42.50 -16.37 -8.95
N ALA B 453 42.85 -15.24 -9.56
CA ALA B 453 43.70 -15.22 -10.74
C ALA B 453 45.16 -14.99 -10.42
N ASP B 454 45.47 -14.39 -9.27
CA ASP B 454 46.85 -14.07 -8.92
C ASP B 454 47.40 -14.94 -7.80
N GLU B 455 46.60 -15.83 -7.22
CA GLU B 455 47.10 -16.78 -6.23
C GLU B 455 46.13 -17.97 -6.17
N VAL B 456 46.46 -18.93 -5.31
CA VAL B 456 45.74 -20.19 -5.23
C VAL B 456 44.41 -19.99 -4.50
N ARG B 457 43.58 -21.02 -4.52
CA ARG B 457 42.22 -20.92 -3.99
C ARG B 457 42.21 -20.78 -2.48
N LEU B 458 41.23 -20.02 -1.98
CA LEU B 458 40.97 -19.89 -0.56
C LEU B 458 39.75 -20.73 -0.19
N SER B 459 39.81 -21.38 0.96
CA SER B 459 38.76 -22.30 1.38
C SER B 459 38.63 -22.28 2.89
N PHE B 460 37.39 -22.21 3.37
CA PHE B 460 37.12 -22.20 4.81
C PHE B 460 35.75 -22.80 5.08
N ILE B 461 35.49 -23.07 6.35
CA ILE B 461 34.28 -23.74 6.81
C ILE B 461 33.62 -22.91 7.90
N CYS B 462 32.31 -22.75 7.82
CA CYS B 462 31.52 -22.04 8.82
C CYS B 462 30.42 -22.95 9.35
N THR B 463 29.67 -22.43 10.33
CA THR B 463 28.48 -23.12 10.81
C THR B 463 27.39 -23.10 9.73
N GLU B 464 26.29 -23.80 10.01
CA GLU B 464 25.20 -23.87 9.04
C GLU B 464 24.55 -22.51 8.86
N VAL B 465 24.31 -21.79 9.95
CA VAL B 465 23.73 -20.45 9.85
C VAL B 465 24.71 -19.49 9.17
N ASP B 466 25.97 -19.50 9.62
CA ASP B 466 26.97 -18.59 9.06
C ASP B 466 27.15 -18.80 7.56
N CYS B 467 27.06 -20.06 7.11
CA CYS B 467 27.29 -20.36 5.71
C CYS B 467 26.33 -19.60 4.80
N LYS B 468 25.05 -19.55 5.18
CA LYS B 468 24.08 -18.76 4.40
C LYS B 468 24.37 -17.27 4.51
N VAL B 469 24.69 -16.79 5.71
CA VAL B 469 24.88 -15.36 5.92
C VAL B 469 26.13 -14.88 5.18
N VAL B 470 27.22 -15.64 5.26
CA VAL B 470 28.44 -15.27 4.56
C VAL B 470 28.20 -15.23 3.06
N HIS B 471 27.38 -16.16 2.55
CA HIS B 471 27.06 -16.16 1.12
C HIS B 471 26.28 -14.92 0.72
N GLU B 472 25.30 -14.51 1.53
CA GLU B 472 24.54 -13.31 1.23
C GLU B 472 25.41 -12.07 1.34
N PHE B 473 26.34 -12.05 2.31
CA PHE B 473 27.22 -10.90 2.47
C PHE B 473 28.12 -10.72 1.26
N ILE B 474 28.73 -11.82 0.78
CA ILE B 474 29.64 -11.73 -0.35
C ILE B 474 28.90 -11.29 -1.60
N GLY B 475 27.80 -11.99 -1.93
CA GLY B 475 27.00 -11.61 -3.08
C GLY B 475 26.42 -10.21 -2.96
N GLY B 476 26.07 -9.79 -1.74
CA GLY B 476 25.56 -8.45 -1.55
C GLY B 476 26.57 -7.38 -1.91
N TYR B 477 27.81 -7.56 -1.45
CA TYR B 477 28.85 -6.56 -1.71
C TYR B 477 29.25 -6.53 -3.19
N ILE B 478 29.14 -7.66 -3.88
CA ILE B 478 29.36 -7.66 -5.32
C ILE B 478 28.21 -6.95 -6.03
N PHE B 479 26.98 -7.18 -5.57
CA PHE B 479 25.82 -6.48 -6.13
C PHE B 479 25.95 -4.97 -5.93
N LEU B 480 26.25 -4.54 -4.70
CA LEU B 480 26.34 -3.11 -4.41
C LEU B 480 27.42 -2.45 -5.24
N SER B 481 28.47 -3.18 -5.61
CA SER B 481 29.52 -2.62 -6.45
C SER B 481 29.05 -2.39 -7.89
N THR B 482 27.99 -3.08 -8.32
CA THR B 482 27.44 -2.86 -9.65
C THR B 482 26.62 -1.57 -9.75
N ARG B 483 26.26 -0.97 -8.62
CA ARG B 483 25.45 0.25 -8.65
C ARG B 483 26.23 1.38 -9.33
N ALA B 484 25.52 2.11 -10.20
CA ALA B 484 26.09 3.24 -10.92
C ALA B 484 25.12 4.41 -10.88
N LYS B 485 25.68 5.62 -10.97
CA LYS B 485 24.91 6.84 -10.81
C LYS B 485 24.16 7.15 -12.10
N ASP B 486 23.21 6.27 -12.43
CA ASP B 486 22.39 6.44 -13.62
C ASP B 486 21.06 5.72 -13.47
N GLU B 489 18.44 1.97 -13.14
CA GLU B 489 18.96 2.22 -11.81
C GLU B 489 18.03 1.67 -10.74
N SER B 490 17.05 0.87 -11.16
CA SER B 490 16.09 0.27 -10.23
C SER B 490 16.68 -0.92 -9.48
N LEU B 491 17.93 -0.79 -9.01
CA LEU B 491 18.63 -1.80 -8.22
C LEU B 491 18.85 -3.11 -8.98
N ASP B 492 17.80 -3.62 -9.63
CA ASP B 492 17.77 -4.94 -10.27
C ASP B 492 17.82 -6.02 -9.18
N GLU B 493 16.70 -6.15 -8.45
CA GLU B 493 16.62 -7.13 -7.38
C GLU B 493 16.80 -8.56 -7.89
N GLU B 494 16.56 -8.80 -9.19
CA GLU B 494 16.81 -10.13 -9.75
C GLU B 494 18.30 -10.48 -9.67
N MET B 495 19.16 -9.51 -9.95
CA MET B 495 20.60 -9.75 -9.82
C MET B 495 21.00 -9.93 -8.36
N PHE B 496 20.36 -9.19 -7.45
CA PHE B 496 20.62 -9.39 -6.03
C PHE B 496 20.25 -10.80 -5.59
N TYR B 497 19.02 -11.22 -5.93
CA TYR B 497 18.57 -12.55 -5.53
C TYR B 497 19.43 -13.64 -6.14
N LYS B 498 19.95 -13.44 -7.35
CA LYS B 498 20.82 -14.43 -7.96
C LYS B 498 22.15 -14.52 -7.24
N LEU B 499 22.73 -13.37 -6.86
CA LEU B 499 24.03 -13.35 -6.20
C LEU B 499 23.95 -13.73 -4.73
N THR B 500 22.76 -13.67 -4.12
CA THR B 500 22.63 -13.85 -2.67
C THR B 500 21.73 -15.02 -2.30
N SER B 501 21.47 -15.95 -3.23
CA SER B 501 20.65 -17.12 -2.94
C SER B 501 21.42 -18.38 -3.23
N GLY B 502 21.14 -19.40 -2.43
CA GLY B 502 21.65 -20.74 -2.68
C GLY B 502 20.50 -21.70 -2.92
N TRP B 503 19.33 -21.35 -2.39
CA TRP B 503 18.15 -22.21 -2.50
C TRP B 503 17.13 -21.60 -3.44
N ALA C 3 -10.85 13.08 -35.10
CA ALA C 3 -11.89 13.68 -34.27
C ALA C 3 -12.96 12.66 -33.92
N VAL C 4 -12.75 11.41 -34.30
CA VAL C 4 -13.72 10.34 -34.08
C VAL C 4 -13.03 9.15 -33.41
N THR C 5 -13.71 8.55 -32.45
CA THR C 5 -13.30 7.30 -31.81
C THR C 5 -14.28 6.21 -32.20
N THR C 6 -13.78 5.00 -32.41
CA THR C 6 -14.62 3.88 -32.81
C THR C 6 -14.32 2.67 -31.91
N VAL C 7 -15.38 2.05 -31.39
CA VAL C 7 -15.28 0.93 -30.45
C VAL C 7 -16.24 -0.16 -30.93
N VAL C 8 -15.70 -1.34 -31.23
CA VAL C 8 -16.43 -2.42 -31.89
C VAL C 8 -16.88 -3.43 -30.85
N ASN C 9 -18.17 -3.41 -30.52
CA ASN C 9 -18.78 -4.21 -29.46
C ASN C 9 -18.25 -5.64 -29.39
N PRO C 10 -17.54 -5.99 -28.33
CA PRO C 10 -17.14 -7.39 -28.13
C PRO C 10 -18.32 -8.34 -28.03
N GLN C 11 -19.37 -7.93 -27.31
CA GLN C 11 -20.53 -8.76 -27.04
C GLN C 11 -21.60 -8.62 -28.10
N TYR C 12 -21.20 -8.45 -29.36
CA TYR C 12 -22.15 -8.32 -30.46
C TYR C 12 -22.59 -9.70 -30.91
N GLU C 13 -23.88 -10.00 -30.71
CA GLU C 13 -24.44 -11.25 -31.19
C GLU C 13 -24.96 -11.14 -32.62
N GLY C 14 -25.67 -10.05 -32.93
CA GLY C 14 -26.25 -9.88 -34.24
C GLY C 14 -27.76 -9.72 -34.18
N ALA D 3 24.12 -29.62 -5.20
CA ALA D 3 24.20 -29.39 -3.76
C ALA D 3 25.22 -28.30 -3.43
N VAL D 4 25.83 -27.74 -4.48
CA VAL D 4 26.70 -26.58 -4.36
C VAL D 4 25.98 -25.38 -4.96
N THR D 5 26.57 -24.20 -4.77
CA THR D 5 26.05 -22.97 -5.38
C THR D 5 27.25 -22.14 -5.83
N THR D 6 27.60 -22.26 -7.11
CA THR D 6 28.69 -21.50 -7.70
C THR D 6 28.12 -20.31 -8.45
N VAL D 7 28.53 -19.11 -8.05
CA VAL D 7 28.17 -17.88 -8.75
C VAL D 7 29.45 -17.12 -9.08
N VAL D 8 29.45 -16.46 -10.23
CA VAL D 8 30.61 -15.72 -10.72
C VAL D 8 30.33 -14.23 -10.56
N ASN D 9 31.34 -13.52 -10.07
CA ASN D 9 31.17 -12.07 -9.91
C ASN D 9 31.33 -11.39 -11.26
N PRO D 10 30.40 -10.52 -11.65
CA PRO D 10 30.52 -9.85 -12.96
C PRO D 10 31.64 -8.83 -13.02
N GLN D 11 32.28 -8.49 -11.90
CA GLN D 11 33.15 -7.33 -11.80
C GLN D 11 34.63 -7.68 -11.68
N TYR D 12 35.04 -8.81 -12.25
CA TYR D 12 36.45 -9.13 -12.34
C TYR D 12 37.14 -8.09 -13.22
N GLU D 13 38.08 -7.36 -12.64
CA GLU D 13 38.90 -6.40 -13.39
C GLU D 13 40.23 -6.16 -12.69
#